data_1Q90
#
_entry.id   1Q90
#
_cell.length_a   102.454
_cell.length_b   171.205
_cell.length_c   351.009
_cell.angle_alpha   90.00
_cell.angle_beta   90.00
_cell.angle_gamma   90.00
#
_symmetry.space_group_name_H-M   'I 2 2 2'
#
loop_
_entity.id
_entity.type
_entity.pdbx_description
1 polymer 'Apocytochrome f'
2 polymer 'Cytochrome b6'
3 polymer 'Cytochrome B6-F complex iron-sulfur subunit'
4 polymer 'Cytochrome b6-f complex subunit 4'
5 polymer 'Cytochrome B6-F complex iron-sulfur subunit'
6 polymer 'Cytochrome b6f complex subunit petG'
7 polymer 'Cytochrome b6f complex subunit petL'
8 polymer 'Cytochrome b6f complex subunit PETM'
9 polymer 'Cytochrome b6f complex subunit PETN'
10 non-polymer 'HEME C'
11 non-polymer BETA-CAROTENE
12 non-polymer EICOSANE
13 non-polymer 'FE2/S2 (INORGANIC) CLUSTER'
14 non-polymer 'CHLOROPHYLL A'
15 non-polymer 8-HYDROXY-5,7-DIMETHOXY-3-METHYL-2-TRIDECYL-4H-CHROMEN-4-ONE
16 non-polymer 1,2-DISTEAROYL-MONOGALACTOSYL-DIGLYCERIDE
17 non-polymer 1,2-DI-O-ACYL-3-O-[6-DEOXY-6-SULFO-ALPHA-D-GLUCOPYRANOSYL]-SN-GLYCEROL
18 water water
#
loop_
_entity_poly.entity_id
_entity_poly.type
_entity_poly.pdbx_seq_one_letter_code
_entity_poly.pdbx_strand_id
1 'polypeptide(L)'
;YPVFAQQNYANPREANGRIVCANCHLAQKAVEIEVPQAVLPDTVFEAVIELPYDKQVKQVLANGKKGDLNVGMVLILPEG
FELAPPDRVPAEIKEKVGNLYYQPYSPEQKNILVVGPVPGKKYSEMVVPILSPDPAKNKNVSYLKYPIYFGGNRGRGQVY
PDGKKSNNTIYNASAAGKIVAITALSEKKGGFEVSIEKANGEVVVDKIPAGPDLIVKEGQTVQADQPLTNNPNVGGFGQA
ETEIVLQNPARIQGLLVFFSFVLLTQVLLVLKKKQFEKVQLAEMNFHHHHHH
;
A
2 'polypeptide(L)'
;MSKVYDWFEERLEIQAIADDITSKYVPPHVNIFYCIGGITFTCFLVQVATGFAMTFYYRPTVAEAFASVQYIMTDVNFGW
LIRSIHRWSASMMVLMMVLHVFRVYLTGGFKRPRELTWVTGVIMAVCTVSFGVTGYSLPWDQVGYWAVKIVTGVPDAIPG
VGGFIVELLRGGVGVGQATLTRFYSLHTFVLPLLTAVFMLMHFLMIRKQGISGPL
;
B
3 'polypeptide(L)'
;QAAKDALGNDIKAGEWLKTHLAGDRSLSQGLKGDPTYLIVTADSTIEKYGLNAVCTHLGCVVPWVAAENKFKCPCHGSQY
NAEGKVVRGPAPLSLALAHCDVAESGLVTFSTWTETDFRTGLEPWWA
;
C
4 'polypeptide(L)'
;MSVTKKPDLSDPVLKAKLAKGMGHNTYGEPAWPNDLLYMFPVVILGTFACVIGLSVLDPAAMGEPANPFATPLEILPEWY
FYPVFQILRVVPNKLLGVLLMAAVPAGLITVPFIESINKFQNPYRRPIATILFLLGTLVAVWLGIGSTFPIDISLTLGL
;
D
5 'polypeptide(L)' AASSEVPDMNKRNIMNLILAGGAGLPITTLALGYGAFFVPPSSGGGGGG R
6 'polypeptide(L)' MVEPLLCGIVLGLVPVTIAGLFVTAYLQYLRGDLATY G
7 'polypeptide(L)' MLTITSYVGLLIGALVFTLGIYLGLLKVVKLI L
8 'polypeptide(L)' GEAEFIAGTALTMVGMTLVGLAIGFVLLRVESLVEEGKI M
9 'polypeptide(L)' GEPAIVQIGWAATCVMFSFSLSLVVWGRSGL N
#
loop_
_chem_comp.id
_chem_comp.type
_chem_comp.name
_chem_comp.formula
BCR non-polymer BETA-CAROTENE 'C40 H56'
CLA non-polymer 'CHLOROPHYLL A' 'C55 H72 Mg N4 O5'
FES non-polymer 'FE2/S2 (INORGANIC) CLUSTER' 'Fe2 S2'
HEC non-polymer 'HEME C' 'C34 H34 Fe N4 O4'
LFA non-polymer EICOSANE 'C20 H42'
LMG non-polymer 1,2-DISTEAROYL-MONOGALACTOSYL-DIGLYCERIDE 'C45 H86 O10'
SQD non-polymer 1,2-DI-O-ACYL-3-O-[6-DEOXY-6-SULFO-ALPHA-D-GLUCOPYRANOSYL]-SN-GLYCEROL 'C41 H78 O12 S'
TDS non-polymer 8-HYDROXY-5,7-DIMETHOXY-3-METHYL-2-TRIDECYL-4H-CHROMEN-4-ONE 'C25 H38 O5'
#
# COMPACT_ATOMS: atom_id res chain seq x y z
N TYR A 1 -28.16 -9.92 -17.21
CA TYR A 1 -28.28 -11.08 -16.30
C TYR A 1 -26.95 -11.82 -16.23
N PRO A 2 -26.68 -12.47 -15.09
CA PRO A 2 -25.44 -13.22 -14.95
C PRO A 2 -25.35 -14.27 -16.05
N VAL A 3 -26.49 -14.84 -16.42
CA VAL A 3 -26.47 -15.83 -17.49
C VAL A 3 -25.97 -15.18 -18.77
N PHE A 4 -26.35 -13.93 -19.00
CA PHE A 4 -25.88 -13.23 -20.21
C PHE A 4 -24.37 -13.25 -20.23
N ALA A 5 -23.79 -12.97 -19.07
CA ALA A 5 -22.34 -12.96 -18.90
C ALA A 5 -21.86 -14.35 -19.27
N GLN A 6 -22.35 -15.33 -18.52
CA GLN A 6 -21.98 -16.72 -18.75
C GLN A 6 -22.04 -17.08 -20.22
N GLN A 7 -23.11 -16.68 -20.88
CA GLN A 7 -23.30 -17.00 -22.29
C GLN A 7 -22.39 -16.23 -23.22
N ASN A 8 -21.98 -15.03 -22.83
CA ASN A 8 -21.13 -14.21 -23.70
C ASN A 8 -19.73 -13.88 -23.20
N TYR A 9 -19.34 -14.45 -22.06
CA TYR A 9 -18.03 -14.19 -21.50
C TYR A 9 -17.49 -15.42 -20.80
N ALA A 10 -16.45 -16.00 -21.40
CA ALA A 10 -15.84 -17.19 -20.83
C ALA A 10 -15.27 -16.85 -19.47
N ASN A 11 -14.66 -15.68 -19.39
CA ASN A 11 -14.06 -15.20 -18.15
C ASN A 11 -14.74 -13.89 -17.76
N PRO A 12 -15.49 -13.90 -16.65
CA PRO A 12 -16.20 -12.71 -16.17
C PRO A 12 -15.30 -11.54 -15.79
N ARG A 13 -13.98 -11.75 -15.78
CA ARG A 13 -13.06 -10.67 -15.41
C ARG A 13 -12.07 -10.36 -16.54
N GLU A 14 -11.97 -9.08 -16.88
CA GLU A 14 -11.07 -8.64 -17.95
C GLU A 14 -9.67 -8.32 -17.45
N ALA A 15 -8.71 -8.30 -18.39
CA ALA A 15 -7.32 -8.03 -18.08
C ALA A 15 -7.12 -6.91 -17.09
N ASN A 16 -7.81 -5.79 -17.29
CA ASN A 16 -7.65 -4.67 -16.39
C ASN A 16 -8.50 -4.77 -15.12
N GLY A 17 -9.06 -5.96 -14.88
CA GLY A 17 -9.86 -6.18 -13.68
C GLY A 17 -11.31 -5.76 -13.72
N ARG A 18 -11.73 -5.26 -14.87
CA ARG A 18 -13.12 -4.83 -15.05
C ARG A 18 -13.99 -6.06 -15.18
N ILE A 19 -15.15 -6.06 -14.51
CA ILE A 19 -16.08 -7.17 -14.59
C ILE A 19 -17.02 -6.92 -15.78
N VAL A 20 -17.29 -7.96 -16.55
CA VAL A 20 -18.13 -7.85 -17.75
C VAL A 20 -19.55 -7.32 -17.55
N CYS A 21 -20.15 -7.50 -16.37
CA CYS A 21 -21.50 -7.00 -16.17
C CYS A 21 -21.55 -5.53 -16.55
N ALA A 22 -20.39 -4.91 -16.65
CA ALA A 22 -20.32 -3.49 -16.99
C ALA A 22 -20.32 -3.17 -18.47
N ASN A 23 -20.16 -4.18 -19.31
CA ASN A 23 -20.18 -3.93 -20.74
C ASN A 23 -21.58 -3.47 -21.12
N CYS A 24 -22.59 -3.97 -20.40
CA CYS A 24 -23.98 -3.62 -20.68
C CYS A 24 -24.62 -2.76 -19.59
N HIS A 25 -24.42 -3.14 -18.34
CA HIS A 25 -24.96 -2.39 -17.20
C HIS A 25 -24.05 -1.16 -17.06
N LEU A 26 -24.40 -0.07 -17.75
CA LEU A 26 -23.61 1.16 -17.78
C LEU A 26 -23.64 2.13 -16.59
N ALA A 27 -24.55 1.92 -15.64
CA ALA A 27 -24.62 2.80 -14.49
C ALA A 27 -23.54 2.34 -13.53
N GLN A 28 -23.31 3.12 -12.48
CA GLN A 28 -22.29 2.77 -11.51
C GLN A 28 -22.78 3.03 -10.09
N LYS A 29 -22.77 2.00 -9.26
CA LYS A 29 -23.20 2.15 -7.87
C LYS A 29 -22.37 1.31 -6.90
N ALA A 30 -21.95 1.95 -5.82
CA ALA A 30 -21.13 1.32 -4.80
C ALA A 30 -21.66 -0.03 -4.34
N VAL A 31 -20.74 -0.91 -3.96
CA VAL A 31 -21.08 -2.23 -3.46
C VAL A 31 -20.11 -2.57 -2.32
N GLU A 32 -20.40 -3.64 -1.59
CA GLU A 32 -19.55 -4.03 -0.48
C GLU A 32 -19.37 -5.53 -0.47
N ILE A 33 -18.30 -5.96 0.16
CA ILE A 33 -18.04 -7.37 0.34
C ILE A 33 -17.05 -7.42 1.48
N GLU A 34 -17.30 -8.31 2.42
CA GLU A 34 -16.45 -8.44 3.57
C GLU A 34 -16.32 -9.90 3.92
N VAL A 35 -15.09 -10.33 4.21
CA VAL A 35 -14.82 -11.71 4.59
C VAL A 35 -13.83 -11.65 5.75
N PRO A 36 -13.56 -12.78 6.41
CA PRO A 36 -12.63 -12.77 7.54
C PRO A 36 -11.21 -12.37 7.12
N GLN A 37 -10.41 -11.94 8.09
CA GLN A 37 -9.05 -11.52 7.78
C GLN A 37 -8.32 -12.74 7.26
N ALA A 38 -8.63 -13.88 7.88
CA ALA A 38 -8.02 -15.14 7.52
C ALA A 38 -8.97 -16.29 7.83
N VAL A 39 -8.66 -17.47 7.33
CA VAL A 39 -9.50 -18.62 7.56
C VAL A 39 -8.67 -19.91 7.54
N LEU A 40 -9.02 -20.87 8.40
CA LEU A 40 -8.32 -22.15 8.44
C LEU A 40 -8.78 -23.01 7.27
N PRO A 41 -8.01 -24.03 6.91
CA PRO A 41 -8.35 -24.93 5.79
C PRO A 41 -9.66 -25.68 6.04
N ASP A 42 -10.27 -26.15 4.96
CA ASP A 42 -11.52 -26.90 4.99
C ASP A 42 -12.49 -26.36 6.04
N THR A 43 -12.78 -25.07 5.94
CA THR A 43 -13.69 -24.41 6.87
C THR A 43 -14.72 -23.59 6.09
N VAL A 44 -15.89 -23.40 6.67
CA VAL A 44 -16.91 -22.63 6.00
C VAL A 44 -17.06 -21.23 6.57
N PHE A 45 -16.55 -20.26 5.83
CA PHE A 45 -16.68 -18.87 6.25
C PHE A 45 -17.74 -18.26 5.35
N GLU A 46 -18.14 -17.03 5.67
CA GLU A 46 -19.17 -16.37 4.88
C GLU A 46 -18.76 -15.02 4.28
N ALA A 47 -19.04 -14.87 3.00
CA ALA A 47 -18.75 -13.64 2.28
C ALA A 47 -20.02 -12.81 2.38
N VAL A 48 -19.89 -11.61 2.94
CA VAL A 48 -21.04 -10.73 3.10
C VAL A 48 -21.08 -9.59 2.10
N ILE A 49 -22.07 -9.59 1.22
CA ILE A 49 -22.16 -8.55 0.21
C ILE A 49 -23.34 -7.59 0.32
N GLU A 50 -23.11 -6.34 -0.09
CA GLU A 50 -24.14 -5.31 -0.05
C GLU A 50 -24.23 -4.59 -1.40
N LEU A 51 -25.45 -4.45 -1.90
CA LEU A 51 -25.71 -3.76 -3.16
C LEU A 51 -26.73 -2.68 -2.84
N PRO A 52 -26.33 -1.68 -2.06
CA PRO A 52 -27.22 -0.59 -1.67
C PRO A 52 -27.79 0.23 -2.82
N TYR A 53 -29.06 0.60 -2.68
CA TYR A 53 -29.76 1.41 -3.67
C TYR A 53 -31.03 1.94 -3.02
N ASP A 54 -31.53 3.06 -3.52
CA ASP A 54 -32.74 3.65 -2.95
C ASP A 54 -33.95 2.84 -3.37
N LYS A 55 -34.44 2.02 -2.46
CA LYS A 55 -35.59 1.18 -2.74
C LYS A 55 -36.87 1.97 -2.95
N GLN A 56 -36.80 3.29 -2.76
CA GLN A 56 -37.97 4.13 -2.96
C GLN A 56 -38.23 4.34 -4.44
N VAL A 57 -37.20 4.73 -5.17
CA VAL A 57 -37.34 4.95 -6.61
C VAL A 57 -37.71 3.65 -7.34
N LYS A 58 -38.33 3.80 -8.51
CA LYS A 58 -38.74 2.66 -9.32
C LYS A 58 -38.09 2.78 -10.69
N GLN A 59 -37.81 1.64 -11.30
CA GLN A 59 -37.14 1.60 -12.60
C GLN A 59 -38.10 1.32 -13.74
N VAL A 60 -37.63 1.56 -14.96
CA VAL A 60 -38.44 1.30 -16.14
C VAL A 60 -38.40 -0.22 -16.43
N LEU A 61 -39.56 -0.87 -16.27
CA LEU A 61 -39.67 -2.31 -16.49
C LEU A 61 -39.60 -2.66 -17.96
N ALA A 62 -39.30 -3.93 -18.22
CA ALA A 62 -39.16 -4.45 -19.58
C ALA A 62 -40.22 -3.93 -20.54
N ASN A 63 -41.48 -4.03 -20.13
CA ASN A 63 -42.60 -3.58 -20.96
C ASN A 63 -42.56 -2.08 -21.23
N GLY A 64 -42.76 -1.28 -20.19
CA GLY A 64 -42.73 0.16 -20.34
C GLY A 64 -43.13 0.85 -19.06
N LYS A 65 -43.84 0.12 -18.19
CA LYS A 65 -44.29 0.67 -16.92
C LYS A 65 -43.12 0.73 -15.94
N LYS A 66 -43.38 1.19 -14.72
CA LYS A 66 -42.31 1.28 -13.72
C LYS A 66 -42.47 0.34 -12.56
N GLY A 67 -41.39 -0.36 -12.19
CA GLY A 67 -41.48 -1.30 -11.09
C GLY A 67 -40.26 -1.43 -10.20
N ASP A 68 -40.23 -2.54 -9.46
CA ASP A 68 -39.15 -2.86 -8.52
C ASP A 68 -37.90 -3.37 -9.21
N LEU A 69 -36.78 -3.30 -8.49
CA LEU A 69 -35.50 -3.74 -9.01
C LEU A 69 -35.07 -5.12 -8.48
N ASN A 70 -34.31 -5.81 -9.31
CA ASN A 70 -33.77 -7.12 -8.97
C ASN A 70 -32.26 -6.99 -8.93
N VAL A 71 -31.63 -7.85 -8.15
CA VAL A 71 -30.19 -7.84 -8.00
C VAL A 71 -29.56 -9.14 -8.43
N GLY A 72 -28.29 -9.06 -8.77
CA GLY A 72 -27.53 -10.23 -9.18
C GLY A 72 -26.09 -9.96 -8.82
N MET A 73 -25.24 -10.98 -8.89
CA MET A 73 -23.82 -10.78 -8.57
C MET A 73 -22.93 -11.91 -9.04
N VAL A 74 -21.66 -11.62 -9.16
CA VAL A 74 -20.68 -12.62 -9.53
C VAL A 74 -19.56 -12.45 -8.52
N LEU A 75 -19.19 -13.54 -7.85
CA LEU A 75 -18.14 -13.52 -6.85
C LEU A 75 -17.00 -14.40 -7.35
N ILE A 76 -15.81 -13.82 -7.51
CA ILE A 76 -14.69 -14.62 -8.00
C ILE A 76 -13.75 -14.98 -6.86
N LEU A 77 -13.61 -16.28 -6.62
CA LEU A 77 -12.78 -16.79 -5.54
C LEU A 77 -11.52 -17.48 -6.05
N PRO A 78 -10.51 -17.65 -5.18
CA PRO A 78 -9.25 -18.30 -5.53
C PRO A 78 -9.49 -19.75 -5.93
N GLU A 79 -8.65 -20.28 -6.81
CA GLU A 79 -8.77 -21.68 -7.19
C GLU A 79 -8.85 -22.46 -5.88
N GLY A 80 -9.73 -23.46 -5.82
CA GLY A 80 -9.83 -24.25 -4.61
C GLY A 80 -11.00 -23.85 -3.73
N PHE A 81 -11.36 -22.57 -3.76
CA PHE A 81 -12.48 -22.09 -2.98
C PHE A 81 -13.74 -22.33 -3.77
N GLU A 82 -14.75 -22.95 -3.15
CA GLU A 82 -16.00 -23.17 -3.83
C GLU A 82 -17.16 -23.04 -2.84
N LEU A 83 -18.38 -23.02 -3.38
CA LEU A 83 -19.57 -22.88 -2.54
C LEU A 83 -19.70 -24.03 -1.55
N ALA A 84 -19.92 -23.69 -0.28
CA ALA A 84 -20.06 -24.75 0.71
C ALA A 84 -21.34 -25.54 0.46
N PRO A 85 -21.23 -26.89 0.37
CA PRO A 85 -22.39 -27.76 0.15
C PRO A 85 -23.30 -27.64 1.38
N PRO A 86 -24.63 -27.63 1.15
CA PRO A 86 -25.62 -27.51 2.22
C PRO A 86 -25.37 -28.38 3.46
N ASP A 87 -24.78 -29.54 3.24
CA ASP A 87 -24.50 -30.45 4.34
C ASP A 87 -23.25 -30.04 5.12
N ARG A 88 -22.68 -28.90 4.76
CA ARG A 88 -21.49 -28.39 5.42
C ARG A 88 -21.77 -27.05 6.09
N VAL A 89 -22.92 -26.48 5.76
CA VAL A 89 -23.30 -25.18 6.30
C VAL A 89 -24.11 -25.25 7.59
N PRO A 90 -23.65 -24.55 8.63
CA PRO A 90 -24.34 -24.54 9.92
C PRO A 90 -25.76 -24.01 9.72
N ALA A 91 -26.71 -24.58 10.44
CA ALA A 91 -28.10 -24.16 10.34
C ALA A 91 -28.28 -22.65 10.49
N GLU A 92 -27.66 -22.10 11.53
CA GLU A 92 -27.73 -20.67 11.84
C GLU A 92 -27.30 -19.84 10.65
N ILE A 93 -26.25 -20.30 9.97
CA ILE A 93 -25.73 -19.60 8.81
C ILE A 93 -26.75 -19.67 7.69
N LYS A 94 -27.22 -20.89 7.42
CA LYS A 94 -28.21 -21.12 6.38
C LYS A 94 -29.31 -20.07 6.49
N GLU A 95 -29.56 -19.63 7.73
CA GLU A 95 -30.56 -18.62 8.03
C GLU A 95 -30.16 -17.30 7.38
N LYS A 96 -28.97 -16.83 7.74
CA LYS A 96 -28.46 -15.57 7.21
C LYS A 96 -28.50 -15.57 5.68
N VAL A 97 -28.28 -16.74 5.09
CA VAL A 97 -28.28 -16.86 3.64
C VAL A 97 -29.64 -16.69 2.98
N GLY A 98 -30.67 -17.28 3.58
CA GLY A 98 -32.00 -17.18 2.99
C GLY A 98 -32.19 -18.21 1.89
N ASN A 99 -33.18 -17.99 1.03
CA ASN A 99 -33.44 -18.93 -0.06
C ASN A 99 -32.80 -18.49 -1.36
N LEU A 100 -31.47 -18.50 -1.37
CA LEU A 100 -30.72 -18.10 -2.55
C LEU A 100 -30.00 -19.33 -3.08
N TYR A 101 -29.95 -19.49 -4.38
CA TYR A 101 -29.30 -20.66 -4.93
C TYR A 101 -28.12 -20.29 -5.82
N TYR A 102 -26.99 -20.06 -5.17
CA TYR A 102 -25.76 -19.71 -5.86
C TYR A 102 -25.37 -20.77 -6.90
N GLN A 103 -24.96 -20.30 -8.07
CA GLN A 103 -24.59 -21.17 -9.17
C GLN A 103 -23.16 -20.96 -9.64
N PRO A 104 -22.56 -22.00 -10.23
CA PRO A 104 -21.19 -21.95 -10.75
C PRO A 104 -21.20 -21.23 -12.08
N TYR A 105 -20.25 -20.34 -12.30
CA TYR A 105 -20.21 -19.61 -13.56
C TYR A 105 -20.27 -20.61 -14.71
N SER A 106 -19.64 -21.76 -14.52
CA SER A 106 -19.62 -22.81 -15.52
C SER A 106 -19.18 -24.04 -14.75
N PRO A 107 -19.40 -25.24 -15.32
CA PRO A 107 -19.04 -26.51 -14.70
C PRO A 107 -17.60 -26.57 -14.17
N GLU A 108 -16.69 -25.89 -14.84
CA GLU A 108 -15.28 -25.89 -14.43
C GLU A 108 -15.02 -24.85 -13.36
N GLN A 109 -15.46 -23.64 -13.65
CA GLN A 109 -15.28 -22.50 -12.75
C GLN A 109 -16.16 -22.53 -11.51
N LYS A 110 -16.05 -23.59 -10.73
CA LYS A 110 -16.84 -23.71 -9.51
C LYS A 110 -16.37 -22.69 -8.48
N ASN A 111 -15.25 -22.01 -8.78
CA ASN A 111 -14.69 -21.02 -7.87
C ASN A 111 -15.28 -19.63 -8.14
N ILE A 112 -16.14 -19.54 -9.14
CA ILE A 112 -16.82 -18.31 -9.50
C ILE A 112 -18.30 -18.55 -9.29
N LEU A 113 -18.91 -17.75 -8.41
CA LEU A 113 -20.33 -17.92 -8.12
C LEU A 113 -21.21 -16.78 -8.60
N VAL A 114 -22.37 -17.12 -9.14
CA VAL A 114 -23.32 -16.11 -9.60
C VAL A 114 -24.66 -16.34 -8.89
N VAL A 115 -25.50 -15.32 -8.89
CA VAL A 115 -26.80 -15.41 -8.24
C VAL A 115 -27.70 -14.36 -8.85
N GLY A 116 -29.00 -14.58 -8.73
CA GLY A 116 -29.96 -13.64 -9.27
C GLY A 116 -30.29 -13.96 -10.72
N PRO A 117 -31.21 -13.19 -11.32
CA PRO A 117 -31.93 -12.07 -10.73
C PRO A 117 -32.84 -12.46 -9.58
N VAL A 118 -32.93 -11.60 -8.58
CA VAL A 118 -33.79 -11.84 -7.43
C VAL A 118 -34.20 -10.48 -6.86
N PRO A 119 -35.32 -10.44 -6.14
CA PRO A 119 -35.83 -9.22 -5.54
C PRO A 119 -34.79 -8.45 -4.74
N GLY A 120 -34.35 -7.32 -5.29
CA GLY A 120 -33.37 -6.52 -4.60
C GLY A 120 -34.01 -5.90 -3.38
N LYS A 121 -35.33 -6.06 -3.29
CA LYS A 121 -36.09 -5.52 -2.17
C LYS A 121 -35.72 -6.32 -0.93
N LYS A 122 -35.50 -7.61 -1.12
CA LYS A 122 -35.15 -8.50 -0.02
C LYS A 122 -33.69 -8.89 0.01
N TYR A 123 -33.07 -8.96 -1.17
CA TYR A 123 -31.68 -9.37 -1.23
C TYR A 123 -30.67 -8.29 -1.59
N SER A 124 -30.88 -7.09 -1.07
CA SER A 124 -29.97 -5.97 -1.31
C SER A 124 -28.70 -6.27 -0.53
N GLU A 125 -28.81 -7.21 0.40
CA GLU A 125 -27.71 -7.66 1.23
C GLU A 125 -27.73 -9.19 1.17
N MET A 126 -26.62 -9.80 0.82
CA MET A 126 -26.56 -11.25 0.73
C MET A 126 -25.46 -11.87 1.60
N VAL A 127 -25.52 -13.18 1.75
CA VAL A 127 -24.52 -13.90 2.53
C VAL A 127 -24.18 -15.15 1.76
N VAL A 128 -22.88 -15.38 1.55
CA VAL A 128 -22.44 -16.53 0.79
C VAL A 128 -21.56 -17.50 1.56
N PRO A 129 -22.08 -18.69 1.86
CA PRO A 129 -21.32 -19.71 2.59
C PRO A 129 -20.21 -20.28 1.70
N ILE A 130 -18.96 -20.09 2.12
CA ILE A 130 -17.84 -20.59 1.33
C ILE A 130 -16.95 -21.56 2.09
N LEU A 131 -16.38 -22.52 1.37
CA LEU A 131 -15.52 -23.52 1.97
C LEU A 131 -14.08 -23.44 1.48
N SER A 132 -13.20 -23.05 2.40
CA SER A 132 -11.78 -22.93 2.13
C SER A 132 -11.20 -24.28 1.74
N PRO A 133 -10.24 -24.28 0.82
CA PRO A 133 -9.60 -25.53 0.39
C PRO A 133 -8.61 -26.04 1.45
N ASP A 134 -7.90 -27.11 1.15
CA ASP A 134 -6.94 -27.67 2.12
C ASP A 134 -5.63 -28.08 1.47
N PRO A 135 -4.57 -27.27 1.68
CA PRO A 135 -3.23 -27.50 1.14
C PRO A 135 -2.79 -28.94 1.25
N ALA A 136 -3.09 -29.54 2.39
CA ALA A 136 -2.73 -30.93 2.63
C ALA A 136 -3.20 -31.78 1.46
N LYS A 137 -4.51 -31.83 1.26
CA LYS A 137 -5.10 -32.61 0.18
C LYS A 137 -4.73 -31.99 -1.16
N ASN A 138 -5.45 -30.96 -1.56
CA ASN A 138 -5.18 -30.28 -2.82
C ASN A 138 -3.78 -29.67 -2.80
N LYS A 139 -3.02 -29.86 -3.86
CA LYS A 139 -1.66 -29.33 -3.92
C LYS A 139 -1.64 -27.87 -4.33
N ASN A 140 -2.18 -27.59 -5.52
CA ASN A 140 -2.23 -26.24 -6.06
C ASN A 140 -3.04 -25.21 -5.24
N VAL A 141 -2.82 -25.23 -3.92
CA VAL A 141 -3.44 -24.32 -2.97
C VAL A 141 -2.52 -24.35 -1.76
N SER A 142 -1.86 -23.22 -1.48
CA SER A 142 -0.93 -23.12 -0.35
C SER A 142 -1.42 -22.07 0.62
N TYR A 143 -0.74 -21.94 1.75
CA TYR A 143 -1.15 -20.93 2.73
C TYR A 143 -0.63 -19.59 2.25
N LEU A 144 -1.53 -18.82 1.65
CA LEU A 144 -1.20 -17.52 1.10
C LEU A 144 -2.33 -16.57 1.33
N LYS A 145 -2.10 -15.31 1.01
CA LYS A 145 -3.13 -14.29 1.11
C LYS A 145 -3.71 -14.23 -0.31
N TYR A 146 -4.98 -14.61 -0.45
CA TYR A 146 -5.65 -14.63 -1.76
C TYR A 146 -6.64 -13.49 -1.95
N PRO A 147 -6.86 -13.09 -3.20
CA PRO A 147 -7.80 -12.01 -3.49
C PRO A 147 -9.19 -12.58 -3.74
N ILE A 148 -10.17 -11.69 -3.74
CA ILE A 148 -11.54 -12.08 -4.00
C ILE A 148 -12.14 -10.88 -4.74
N TYR A 149 -12.64 -11.13 -5.95
CA TYR A 149 -13.24 -10.07 -6.76
C TYR A 149 -14.74 -10.20 -6.79
N PHE A 150 -15.43 -9.12 -6.43
CA PHE A 150 -16.87 -9.13 -6.39
C PHE A 150 -17.54 -8.17 -7.37
N GLY A 151 -18.53 -8.67 -8.08
CA GLY A 151 -19.26 -7.85 -9.03
C GLY A 151 -20.69 -7.82 -8.54
N GLY A 152 -21.33 -6.65 -8.56
CA GLY A 152 -22.69 -6.56 -8.10
C GLY A 152 -23.55 -5.51 -8.78
N ASN A 153 -24.77 -5.89 -9.14
CA ASN A 153 -25.70 -4.98 -9.81
C ASN A 153 -27.12 -5.12 -9.36
N ARG A 154 -27.85 -4.03 -9.54
CA ARG A 154 -29.26 -4.00 -9.25
C ARG A 154 -29.86 -3.06 -10.28
N GLY A 155 -30.87 -3.54 -11.01
CA GLY A 155 -31.50 -2.74 -12.05
C GLY A 155 -31.31 -3.37 -13.43
N ARG A 156 -32.12 -2.96 -14.40
CA ARG A 156 -32.02 -3.51 -15.75
C ARG A 156 -30.90 -2.88 -16.60
N GLY A 157 -30.32 -3.69 -17.48
CA GLY A 157 -29.22 -3.23 -18.31
C GLY A 157 -29.56 -2.26 -19.43
N GLN A 158 -28.54 -1.78 -20.12
CA GLN A 158 -28.70 -0.82 -21.21
C GLN A 158 -28.46 -1.41 -22.60
N VAL A 159 -27.82 -2.58 -22.63
CA VAL A 159 -27.55 -3.23 -23.91
C VAL A 159 -27.85 -4.71 -23.80
N TYR A 160 -28.26 -5.31 -24.91
CA TYR A 160 -28.57 -6.73 -24.95
C TYR A 160 -27.40 -7.44 -25.61
N PRO A 161 -27.29 -8.76 -25.38
CA PRO A 161 -26.19 -9.50 -26.00
C PRO A 161 -26.02 -9.23 -27.48
N ASP A 162 -27.13 -9.01 -28.19
CA ASP A 162 -27.06 -8.75 -29.63
C ASP A 162 -26.56 -7.35 -29.94
N GLY A 163 -26.50 -6.49 -28.93
CA GLY A 163 -26.00 -5.15 -29.16
C GLY A 163 -27.03 -4.02 -29.12
N LYS A 164 -28.28 -4.31 -29.42
CA LYS A 164 -29.32 -3.29 -29.43
C LYS A 164 -29.62 -2.73 -28.05
N LYS A 165 -29.96 -1.43 -27.99
CA LYS A 165 -30.27 -0.76 -26.73
C LYS A 165 -31.44 -1.39 -26.01
N SER A 166 -32.05 -0.63 -25.10
CA SER A 166 -33.19 -1.12 -24.35
C SER A 166 -34.03 0.07 -23.87
N ASN A 167 -35.17 -0.23 -23.27
CA ASN A 167 -36.04 0.83 -22.78
C ASN A 167 -35.43 1.52 -21.57
N ASN A 168 -34.29 1.04 -21.09
CA ASN A 168 -33.68 1.68 -19.92
C ASN A 168 -32.37 2.39 -20.18
N THR A 169 -32.27 3.06 -21.32
CA THR A 169 -31.06 3.80 -21.66
C THR A 169 -31.46 5.13 -22.30
N ILE A 170 -30.47 5.89 -22.77
CA ILE A 170 -30.72 7.18 -23.41
C ILE A 170 -30.71 7.00 -24.91
N TYR A 171 -31.54 7.77 -25.60
CA TYR A 171 -31.61 7.71 -27.05
C TYR A 171 -31.16 9.02 -27.66
N ASN A 172 -30.33 8.95 -28.70
CA ASN A 172 -29.79 10.14 -29.33
C ASN A 172 -30.13 10.35 -30.79
N ALA A 173 -30.05 11.61 -31.23
CA ALA A 173 -30.35 12.01 -32.60
C ALA A 173 -29.46 11.34 -33.64
N SER A 174 -30.03 10.42 -34.41
CA SER A 174 -29.27 9.71 -35.44
C SER A 174 -28.57 10.65 -36.42
N ALA A 175 -28.82 11.95 -36.28
CA ALA A 175 -28.19 12.94 -37.16
C ALA A 175 -28.61 14.35 -36.75
N ALA A 176 -27.95 15.36 -37.32
CA ALA A 176 -28.29 16.73 -37.00
C ALA A 176 -29.37 17.25 -37.93
N GLY A 177 -30.20 18.15 -37.41
CA GLY A 177 -31.28 18.70 -38.20
C GLY A 177 -32.38 19.27 -37.33
N LYS A 178 -33.55 19.51 -37.93
CA LYS A 178 -34.68 20.05 -37.19
C LYS A 178 -35.76 19.01 -36.97
N ILE A 179 -36.31 19.01 -35.76
CA ILE A 179 -37.37 18.07 -35.41
C ILE A 179 -38.67 18.61 -36.01
N VAL A 180 -39.08 18.00 -37.11
CA VAL A 180 -40.29 18.38 -37.82
C VAL A 180 -41.54 17.74 -37.23
N ALA A 181 -41.36 16.63 -36.53
CA ALA A 181 -42.50 15.93 -35.94
C ALA A 181 -42.15 14.79 -35.00
N ILE A 182 -42.70 14.86 -33.79
CA ILE A 182 -42.51 13.83 -32.79
C ILE A 182 -43.88 13.15 -32.71
N THR A 183 -44.05 12.05 -33.41
CA THR A 183 -45.33 11.34 -33.42
C THR A 183 -45.35 10.01 -32.66
N ALA A 184 -46.40 9.78 -31.90
CA ALA A 184 -46.53 8.56 -31.11
C ALA A 184 -46.90 7.32 -31.91
N LEU A 185 -46.76 6.16 -31.27
CA LEU A 185 -47.08 4.89 -31.91
C LEU A 185 -48.23 4.25 -31.16
N SER A 186 -48.83 3.23 -31.78
CA SER A 186 -49.95 2.49 -31.21
C SER A 186 -49.94 2.50 -29.70
N GLU A 187 -51.09 2.76 -29.09
CA GLU A 187 -51.18 2.79 -27.64
C GLU A 187 -50.62 1.51 -27.02
N LYS A 188 -50.61 0.43 -27.79
CA LYS A 188 -50.11 -0.84 -27.31
C LYS A 188 -48.86 -1.27 -28.05
N LYS A 189 -47.99 -0.29 -28.29
CA LYS A 189 -46.72 -0.47 -28.95
C LYS A 189 -45.77 0.45 -28.20
N GLY A 190 -46.31 1.58 -27.75
CA GLY A 190 -45.55 2.56 -26.99
C GLY A 190 -44.52 3.35 -27.77
N GLY A 191 -43.97 4.38 -27.12
CA GLY A 191 -42.93 5.18 -27.75
C GLY A 191 -43.32 6.07 -28.90
N PHE A 192 -42.30 6.66 -29.54
CA PHE A 192 -42.52 7.58 -30.65
C PHE A 192 -41.55 7.38 -31.80
N GLU A 193 -41.74 8.25 -32.80
CA GLU A 193 -40.90 8.31 -33.98
C GLU A 193 -40.56 9.78 -34.12
N VAL A 194 -39.33 10.14 -33.77
CA VAL A 194 -38.88 11.52 -33.89
C VAL A 194 -38.35 11.72 -35.30
N SER A 195 -39.04 12.55 -36.07
CA SER A 195 -38.67 12.85 -37.45
C SER A 195 -37.76 14.06 -37.47
N ILE A 196 -36.55 13.86 -37.99
CA ILE A 196 -35.56 14.93 -38.07
C ILE A 196 -35.22 15.24 -39.51
N GLU A 197 -35.37 16.53 -39.86
CA GLU A 197 -35.09 17.01 -41.20
C GLU A 197 -33.68 17.59 -41.24
N LYS A 198 -32.82 16.95 -42.03
CA LYS A 198 -31.44 17.37 -42.17
C LYS A 198 -31.33 18.75 -42.80
N ALA A 199 -30.19 19.00 -43.43
CA ALA A 199 -29.93 20.28 -44.08
C ALA A 199 -30.30 20.16 -45.54
N ASN A 200 -29.95 19.03 -46.14
CA ASN A 200 -30.26 18.79 -47.54
C ASN A 200 -31.76 18.69 -47.76
N GLY A 201 -32.50 18.53 -46.67
CA GLY A 201 -33.95 18.42 -46.77
C GLY A 201 -34.47 17.04 -46.43
N GLU A 202 -33.57 16.05 -46.42
CA GLU A 202 -33.90 14.66 -46.10
C GLU A 202 -34.40 14.53 -44.66
N VAL A 203 -35.40 13.68 -44.47
CA VAL A 203 -35.97 13.47 -43.16
C VAL A 203 -35.71 12.05 -42.68
N VAL A 204 -35.07 11.92 -41.54
CA VAL A 204 -34.78 10.60 -40.97
C VAL A 204 -35.69 10.40 -39.77
N VAL A 205 -35.98 9.14 -39.46
CA VAL A 205 -36.85 8.84 -38.34
C VAL A 205 -36.17 8.06 -37.23
N ASP A 206 -36.30 8.57 -36.01
CA ASP A 206 -35.68 7.92 -34.87
C ASP A 206 -36.67 7.26 -33.92
N LYS A 207 -36.73 5.94 -34.01
CA LYS A 207 -37.60 5.12 -33.18
C LYS A 207 -37.16 5.18 -31.71
N ILE A 208 -38.09 5.46 -30.83
CA ILE A 208 -37.78 5.51 -29.40
C ILE A 208 -38.80 4.66 -28.68
N PRO A 209 -38.34 3.71 -27.85
CA PRO A 209 -39.29 2.88 -27.12
C PRO A 209 -39.93 3.60 -25.94
N ALA A 210 -40.79 2.89 -25.24
CA ALA A 210 -41.46 3.44 -24.09
C ALA A 210 -40.45 3.37 -22.94
N GLY A 211 -40.67 4.16 -21.90
CA GLY A 211 -39.75 4.15 -20.78
C GLY A 211 -39.05 5.48 -20.64
N PRO A 212 -38.10 5.78 -21.54
CA PRO A 212 -37.38 7.05 -21.49
C PRO A 212 -38.31 8.19 -21.87
N ASP A 213 -38.21 9.32 -21.18
CA ASP A 213 -39.05 10.47 -21.50
C ASP A 213 -38.37 11.39 -22.48
N LEU A 214 -39.11 11.80 -23.52
CA LEU A 214 -38.56 12.71 -24.52
C LEU A 214 -38.21 14.02 -23.83
N ILE A 215 -37.13 14.65 -24.29
CA ILE A 215 -36.70 15.92 -23.71
C ILE A 215 -36.43 16.92 -24.81
N VAL A 216 -37.09 16.72 -25.94
CA VAL A 216 -36.98 17.60 -27.09
C VAL A 216 -38.40 17.86 -27.57
N LYS A 217 -38.69 19.09 -27.99
CA LYS A 217 -40.02 19.41 -28.49
C LYS A 217 -39.90 19.54 -29.99
N GLU A 218 -41.04 19.65 -30.67
CA GLU A 218 -41.04 19.80 -32.12
C GLU A 218 -40.56 21.20 -32.51
N GLY A 219 -39.95 21.30 -33.68
CA GLY A 219 -39.47 22.60 -34.13
C GLY A 219 -38.07 22.95 -33.69
N GLN A 220 -37.59 22.37 -32.59
CA GLN A 220 -36.24 22.67 -32.13
C GLN A 220 -35.20 21.92 -32.96
N THR A 221 -34.02 22.52 -33.09
CA THR A 221 -32.95 21.93 -33.87
C THR A 221 -32.02 21.11 -33.00
N VAL A 222 -31.41 20.08 -33.57
CA VAL A 222 -30.51 19.24 -32.80
C VAL A 222 -29.22 18.84 -33.53
N GLN A 223 -28.19 18.59 -32.72
CA GLN A 223 -26.88 18.17 -33.20
C GLN A 223 -26.90 16.66 -33.17
N ALA A 224 -26.32 16.03 -34.18
CA ALA A 224 -26.27 14.58 -34.22
C ALA A 224 -25.78 14.02 -32.88
N ASP A 225 -26.16 12.78 -32.58
CA ASP A 225 -25.77 12.12 -31.34
C ASP A 225 -26.28 12.84 -30.09
N GLN A 226 -27.07 13.89 -30.29
CA GLN A 226 -27.62 14.64 -29.17
C GLN A 226 -28.74 13.85 -28.51
N PRO A 227 -28.86 13.96 -27.17
CA PRO A 227 -29.91 13.23 -26.46
C PRO A 227 -31.33 13.73 -26.76
N LEU A 228 -32.21 12.79 -27.10
CA LEU A 228 -33.60 13.08 -27.39
C LEU A 228 -34.43 12.80 -26.14
N THR A 229 -33.88 11.95 -25.28
CA THR A 229 -34.52 11.55 -24.03
C THR A 229 -33.61 11.72 -22.83
N ASN A 230 -34.17 11.47 -21.66
CA ASN A 230 -33.41 11.55 -20.43
C ASN A 230 -32.84 10.15 -20.26
N ASN A 231 -32.19 9.89 -19.13
CA ASN A 231 -31.68 8.55 -18.89
C ASN A 231 -32.53 7.96 -17.76
N PRO A 232 -33.46 7.07 -18.13
CA PRO A 232 -34.35 6.43 -17.17
C PRO A 232 -33.63 5.59 -16.13
N ASN A 233 -32.60 4.88 -16.58
CA ASN A 233 -31.84 3.99 -15.70
C ASN A 233 -31.62 4.54 -14.30
N VAL A 234 -32.09 3.80 -13.31
CA VAL A 234 -31.94 4.20 -11.91
C VAL A 234 -31.18 3.14 -11.12
N GLY A 235 -30.68 2.12 -11.81
CA GLY A 235 -29.93 1.07 -11.15
C GLY A 235 -28.45 1.36 -11.24
N GLY A 236 -27.61 0.32 -11.12
CA GLY A 236 -26.18 0.51 -11.20
C GLY A 236 -25.33 -0.70 -10.86
N PHE A 237 -24.16 -0.78 -11.50
CA PHE A 237 -23.22 -1.86 -11.27
C PHE A 237 -22.02 -1.40 -10.46
N GLY A 238 -21.50 -2.29 -9.61
CA GLY A 238 -20.36 -1.93 -8.81
C GLY A 238 -19.39 -3.08 -8.58
N GLN A 239 -18.10 -2.78 -8.70
CA GLN A 239 -17.07 -3.78 -8.45
C GLN A 239 -16.45 -3.54 -7.08
N ALA A 240 -15.70 -4.51 -6.62
CA ALA A 240 -15.01 -4.40 -5.35
C ALA A 240 -14.03 -5.55 -5.27
N GLU A 241 -12.99 -5.37 -4.46
CA GLU A 241 -11.96 -6.37 -4.32
C GLU A 241 -11.59 -6.49 -2.85
N THR A 242 -11.01 -7.63 -2.50
CA THR A 242 -10.61 -7.87 -1.12
C THR A 242 -9.70 -9.08 -1.08
N GLU A 243 -9.22 -9.42 0.11
CA GLU A 243 -8.31 -10.55 0.25
C GLU A 243 -8.76 -11.42 1.40
N ILE A 244 -8.19 -12.62 1.47
CA ILE A 244 -8.49 -13.57 2.52
C ILE A 244 -7.20 -14.33 2.74
N VAL A 245 -6.85 -14.56 4.00
CA VAL A 245 -5.62 -15.30 4.29
C VAL A 245 -5.90 -16.72 4.70
N LEU A 246 -5.46 -17.65 3.88
CA LEU A 246 -5.63 -19.05 4.20
C LEU A 246 -4.54 -19.34 5.26
N GLN A 247 -4.95 -19.35 6.52
CA GLN A 247 -4.02 -19.59 7.63
C GLN A 247 -3.73 -21.03 8.05
N ASN A 248 -2.56 -21.19 8.65
CA ASN A 248 -2.09 -22.46 9.18
C ASN A 248 -1.76 -22.22 10.64
N PRO A 249 -2.61 -22.71 11.55
CA PRO A 249 -2.49 -22.59 13.00
C PRO A 249 -1.07 -22.73 13.52
N ALA A 250 -0.34 -23.70 12.98
CA ALA A 250 1.04 -23.98 13.36
C ALA A 250 1.93 -22.74 13.34
N ARG A 251 1.72 -21.90 12.34
CA ARG A 251 2.48 -20.67 12.21
C ARG A 251 2.23 -19.74 13.40
N ILE A 252 0.96 -19.49 13.72
CA ILE A 252 0.65 -18.62 14.83
C ILE A 252 1.14 -19.20 16.16
N GLN A 253 1.15 -20.53 16.25
CA GLN A 253 1.63 -21.17 17.47
C GLN A 253 3.11 -20.88 17.61
N GLY A 254 3.87 -21.18 16.56
CA GLY A 254 5.30 -20.89 16.59
C GLY A 254 5.51 -19.42 16.91
N LEU A 255 4.74 -18.56 16.25
CA LEU A 255 4.86 -17.13 16.50
C LEU A 255 4.71 -16.84 17.99
N LEU A 256 3.75 -17.52 18.61
CA LEU A 256 3.52 -17.31 20.03
C LEU A 256 4.68 -17.81 20.88
N VAL A 257 5.17 -19.01 20.57
CA VAL A 257 6.29 -19.54 21.33
C VAL A 257 7.46 -18.58 21.19
N PHE A 258 7.65 -18.08 19.98
CA PHE A 258 8.74 -17.13 19.72
C PHE A 258 8.59 -15.89 20.59
N PHE A 259 7.39 -15.32 20.59
CA PHE A 259 7.11 -14.14 21.39
C PHE A 259 7.57 -14.34 22.84
N SER A 260 7.26 -15.49 23.41
CA SER A 260 7.65 -15.75 24.79
C SER A 260 9.16 -15.73 24.94
N PHE A 261 9.87 -16.24 23.94
CA PHE A 261 11.33 -16.23 24.00
C PHE A 261 11.81 -14.79 24.04
N VAL A 262 11.19 -13.96 23.21
CA VAL A 262 11.54 -12.55 23.13
C VAL A 262 11.22 -11.89 24.44
N LEU A 263 9.95 -11.94 24.83
CA LEU A 263 9.52 -11.33 26.08
C LEU A 263 10.44 -11.73 27.26
N LEU A 264 10.77 -13.02 27.34
CA LEU A 264 11.63 -13.50 28.40
C LEU A 264 12.91 -12.68 28.33
N THR A 265 13.60 -12.80 27.19
CA THR A 265 14.87 -12.11 26.93
C THR A 265 14.84 -10.62 27.24
N GLN A 266 13.80 -9.93 26.79
CA GLN A 266 13.72 -8.50 27.06
C GLN A 266 13.73 -8.22 28.56
N VAL A 267 12.96 -8.99 29.33
CA VAL A 267 12.90 -8.78 30.76
C VAL A 267 14.26 -9.06 31.40
N LEU A 268 14.86 -10.20 31.07
CA LEU A 268 16.17 -10.53 31.61
C LEU A 268 17.17 -9.40 31.32
N LEU A 269 17.05 -8.79 30.15
CA LEU A 269 17.94 -7.71 29.78
C LEU A 269 17.76 -6.51 30.69
N VAL A 270 16.54 -6.00 30.80
CA VAL A 270 16.31 -4.85 31.65
C VAL A 270 16.52 -5.16 33.12
N LEU A 271 16.24 -6.40 33.54
CA LEU A 271 16.47 -6.71 34.95
C LEU A 271 17.97 -6.69 35.20
N LYS A 272 18.72 -7.26 34.28
CA LYS A 272 20.18 -7.29 34.38
C LYS A 272 20.72 -5.86 34.41
N LYS A 273 20.11 -4.98 33.61
CA LYS A 273 20.55 -3.60 33.60
C LYS A 273 20.38 -3.04 34.99
N LYS A 274 19.17 -3.16 35.51
CA LYS A 274 18.86 -2.68 36.84
C LYS A 274 19.79 -3.28 37.89
N GLN A 275 20.03 -4.60 37.83
CA GLN A 275 20.92 -5.21 38.80
C GLN A 275 22.25 -4.47 38.79
N PHE A 276 22.85 -4.35 37.61
CA PHE A 276 24.13 -3.67 37.54
C PHE A 276 24.15 -2.19 37.94
N GLU A 277 23.05 -1.49 37.71
CA GLU A 277 23.01 -0.08 38.10
C GLU A 277 23.18 0.02 39.62
N LYS A 278 22.86 -1.06 40.33
CA LYS A 278 23.04 -1.08 41.78
C LYS A 278 24.52 -0.77 42.00
N VAL A 279 25.35 -1.60 41.38
CA VAL A 279 26.80 -1.46 41.44
C VAL A 279 27.23 -0.07 41.02
N GLN A 280 26.79 0.36 39.86
CA GLN A 280 27.17 1.66 39.37
C GLN A 280 26.92 2.74 40.40
N LEU A 281 25.73 2.70 40.98
CA LEU A 281 25.33 3.67 41.99
C LEU A 281 26.29 3.65 43.18
N ALA A 282 26.67 2.45 43.62
CA ALA A 282 27.57 2.31 44.74
C ALA A 282 28.90 3.00 44.52
N GLU A 283 29.56 2.63 43.41
CA GLU A 283 30.87 3.17 43.05
C GLU A 283 30.85 4.67 42.77
N MET A 284 29.67 5.25 42.70
CA MET A 284 29.56 6.67 42.48
C MET A 284 29.60 7.41 43.80
N ASN A 285 29.65 6.64 44.89
CA ASN A 285 29.69 7.21 46.23
C ASN A 285 31.13 7.50 46.64
N PHE A 286 31.40 8.73 47.08
CA PHE A 286 32.74 9.13 47.48
C PHE A 286 33.37 8.23 48.54
N HIS A 287 32.54 7.71 49.45
CA HIS A 287 33.02 6.84 50.51
C HIS A 287 33.63 5.57 49.97
N HIS A 288 33.41 5.29 48.69
CA HIS A 288 33.95 4.09 48.07
C HIS A 288 35.41 4.35 47.74
N HIS A 289 35.71 5.59 47.38
CA HIS A 289 37.07 6.01 47.01
C HIS A 289 37.91 6.67 48.10
N HIS A 290 37.31 7.02 49.23
CA HIS A 290 38.06 7.70 50.27
C HIS A 290 37.72 7.16 51.65
N HIS A 291 38.73 6.73 52.41
CA HIS A 291 38.50 6.20 53.75
C HIS A 291 38.04 7.25 54.73
N HIS A 292 38.36 8.51 54.44
CA HIS A 292 37.99 9.59 55.33
C HIS A 292 38.81 9.36 56.61
N VAL B 4 45.15 -13.54 26.68
CA VAL B 4 44.48 -13.41 25.35
C VAL B 4 44.20 -11.96 24.98
N TYR B 5 43.52 -11.25 25.87
CA TYR B 5 43.22 -9.85 25.67
C TYR B 5 44.59 -9.25 25.41
N ASP B 6 45.53 -9.68 26.23
CA ASP B 6 46.92 -9.25 26.13
C ASP B 6 47.39 -9.45 24.69
N TRP B 7 47.31 -10.69 24.20
CA TRP B 7 47.73 -10.98 22.83
C TRP B 7 47.18 -9.95 21.86
N PHE B 8 45.86 -9.74 21.86
CA PHE B 8 45.26 -8.77 20.97
C PHE B 8 45.62 -7.33 21.27
N GLU B 9 45.43 -6.91 22.52
CA GLU B 9 45.75 -5.55 22.93
C GLU B 9 47.19 -5.21 22.57
N GLU B 10 48.05 -6.25 22.57
CA GLU B 10 49.47 -6.07 22.28
C GLU B 10 49.76 -5.87 20.81
N ARG B 11 48.70 -5.77 20.00
CA ARG B 11 48.90 -5.60 18.56
C ARG B 11 47.69 -5.06 17.79
N LEU B 12 46.74 -4.49 18.51
CA LEU B 12 45.56 -3.91 17.89
C LEU B 12 45.08 -2.79 18.79
N GLU B 13 45.49 -2.88 20.05
CA GLU B 13 45.12 -1.88 21.04
C GLU B 13 43.62 -1.80 21.24
N ILE B 14 43.06 -2.93 21.62
CA ILE B 14 41.64 -3.07 21.90
C ILE B 14 41.23 -1.95 22.85
N GLN B 15 42.07 -1.74 23.87
CA GLN B 15 41.86 -0.70 24.87
C GLN B 15 41.25 0.54 24.25
N ALA B 16 42.06 1.22 23.45
CA ALA B 16 41.66 2.44 22.77
C ALA B 16 40.21 2.36 22.34
N ILE B 17 39.84 1.32 21.61
CA ILE B 17 38.47 1.18 21.15
C ILE B 17 37.53 1.08 22.33
N ALA B 18 37.84 0.16 23.22
CA ALA B 18 37.06 -0.04 24.43
C ALA B 18 36.91 1.30 25.14
N ASP B 19 38.03 1.80 25.63
CA ASP B 19 38.07 3.06 26.34
C ASP B 19 37.22 4.14 25.67
N ASP B 20 37.21 4.15 24.33
CA ASP B 20 36.41 5.14 23.63
C ASP B 20 34.94 4.87 23.87
N ILE B 21 34.52 3.65 23.58
CA ILE B 21 33.13 3.27 23.78
C ILE B 21 32.63 3.62 25.18
N THR B 22 33.46 3.41 26.18
CA THR B 22 33.06 3.71 27.55
C THR B 22 32.84 5.19 27.82
N SER B 23 33.79 6.00 27.38
CA SER B 23 33.74 7.44 27.57
C SER B 23 32.42 8.11 27.19
N LYS B 24 31.69 7.54 26.25
CA LYS B 24 30.42 8.12 25.79
C LYS B 24 29.30 8.13 26.82
N TYR B 25 28.59 9.26 26.89
CA TYR B 25 27.46 9.42 27.81
C TYR B 25 26.19 9.81 27.07
N VAL B 26 25.06 9.49 27.69
CA VAL B 26 23.77 9.82 27.11
C VAL B 26 23.09 10.88 27.97
N PRO B 27 22.96 12.10 27.44
CA PRO B 27 22.33 13.21 28.16
C PRO B 27 20.85 12.97 28.38
N PRO B 28 20.32 13.44 29.51
CA PRO B 28 18.92 13.30 29.89
C PRO B 28 17.82 13.83 28.97
N HIS B 29 18.15 14.58 27.92
CA HIS B 29 17.09 15.07 27.06
C HIS B 29 16.77 14.06 25.96
N VAL B 30 17.41 12.90 26.07
CA VAL B 30 17.23 11.84 25.09
C VAL B 30 16.01 10.96 25.39
N ASN B 31 14.94 11.23 24.65
CA ASN B 31 13.66 10.52 24.74
C ASN B 31 13.77 9.12 24.21
N ILE B 32 12.63 8.46 24.08
CA ILE B 32 12.60 7.11 23.53
C ILE B 32 12.56 7.33 22.02
N PHE B 33 12.12 8.55 21.65
CA PHE B 33 12.00 8.93 20.25
C PHE B 33 13.35 8.95 19.57
N TYR B 34 14.40 9.03 20.36
CA TYR B 34 15.76 9.04 19.84
C TYR B 34 16.21 7.62 19.46
N CYS B 35 15.32 6.65 19.68
CA CYS B 35 15.59 5.26 19.32
C CYS B 35 15.15 5.02 17.89
N ILE B 36 14.32 5.91 17.39
CA ILE B 36 13.78 5.76 16.06
C ILE B 36 14.81 5.69 14.95
N GLY B 37 15.86 6.49 15.05
CA GLY B 37 16.86 6.43 14.00
C GLY B 37 17.38 5.01 13.88
N GLY B 38 17.72 4.45 15.04
CA GLY B 38 18.26 3.10 15.12
C GLY B 38 17.27 2.01 14.75
N ILE B 39 15.99 2.24 15.05
CA ILE B 39 14.98 1.27 14.68
C ILE B 39 15.04 1.23 13.15
N THR B 40 15.02 2.41 12.55
CA THR B 40 15.09 2.50 11.10
C THR B 40 16.28 1.67 10.61
N PHE B 41 17.45 1.93 11.17
CA PHE B 41 18.64 1.20 10.80
C PHE B 41 18.38 -0.31 10.93
N THR B 42 17.79 -0.70 12.06
CA THR B 42 17.49 -2.11 12.32
C THR B 42 16.68 -2.67 11.15
N CYS B 43 15.70 -1.89 10.68
CA CYS B 43 14.85 -2.31 9.57
C CYS B 43 15.66 -2.49 8.31
N PHE B 44 16.63 -1.59 8.10
CA PHE B 44 17.46 -1.67 6.92
C PHE B 44 18.28 -2.96 6.95
N LEU B 45 18.90 -3.23 8.10
CA LEU B 45 19.69 -4.45 8.25
C LEU B 45 18.81 -5.67 8.03
N VAL B 46 17.59 -5.63 8.56
CA VAL B 46 16.67 -6.74 8.36
C VAL B 46 16.48 -6.94 6.85
N GLN B 47 16.23 -5.83 6.16
CA GLN B 47 16.04 -5.87 4.72
C GLN B 47 17.24 -6.51 4.04
N VAL B 48 18.43 -6.13 4.46
CA VAL B 48 19.61 -6.70 3.83
C VAL B 48 19.58 -8.23 3.97
N ALA B 49 19.61 -8.73 5.20
CA ALA B 49 19.58 -10.18 5.44
C ALA B 49 18.49 -10.91 4.65
N THR B 50 17.28 -10.46 4.90
CA THR B 50 16.08 -10.98 4.30
C THR B 50 16.13 -10.88 2.76
N GLY B 51 16.67 -9.78 2.27
CA GLY B 51 16.79 -9.58 0.83
C GLY B 51 17.83 -10.51 0.22
N PHE B 52 19.04 -10.49 0.79
CA PHE B 52 20.09 -11.35 0.28
C PHE B 52 19.59 -12.79 0.20
N ALA B 53 18.81 -13.18 1.20
CA ALA B 53 18.30 -14.54 1.25
C ALA B 53 17.49 -14.89 0.01
N MET B 54 16.66 -13.98 -0.46
CA MET B 54 15.86 -14.30 -1.63
C MET B 54 16.72 -14.36 -2.89
N THR B 55 17.95 -13.87 -2.79
CA THR B 55 18.84 -13.88 -3.94
C THR B 55 19.20 -15.30 -4.34
N PHE B 56 18.95 -16.24 -3.43
CA PHE B 56 19.26 -17.64 -3.68
C PHE B 56 18.10 -18.38 -4.36
N TYR B 57 17.06 -17.64 -4.75
CA TYR B 57 15.92 -18.25 -5.41
C TYR B 57 15.32 -17.43 -6.53
N TYR B 58 15.27 -16.11 -6.35
CA TYR B 58 14.69 -15.21 -7.35
C TYR B 58 15.40 -15.15 -8.71
N ARG B 59 14.62 -15.15 -9.79
CA ARG B 59 15.21 -15.08 -11.13
C ARG B 59 14.82 -13.77 -11.82
N PRO B 60 15.80 -12.90 -12.06
CA PRO B 60 15.51 -11.62 -12.71
C PRO B 60 15.30 -11.57 -14.20
N THR B 61 14.38 -12.38 -14.71
CA THR B 61 14.06 -12.35 -16.14
C THR B 61 12.57 -12.47 -16.33
N VAL B 62 12.06 -11.70 -17.27
CA VAL B 62 10.65 -11.67 -17.58
C VAL B 62 10.00 -13.04 -17.67
N ALA B 63 10.75 -14.01 -18.15
CA ALA B 63 10.21 -15.35 -18.30
C ALA B 63 10.09 -16.15 -17.02
N GLU B 64 10.93 -15.89 -16.02
CA GLU B 64 10.87 -16.68 -14.80
C GLU B 64 10.78 -15.94 -13.47
N ALA B 65 10.61 -14.63 -13.53
CA ALA B 65 10.54 -13.84 -12.31
C ALA B 65 9.31 -14.14 -11.46
N PHE B 66 8.13 -13.84 -12.00
CA PHE B 66 6.90 -14.06 -11.26
C PHE B 66 6.88 -15.45 -10.68
N ALA B 67 7.38 -16.42 -11.45
CA ALA B 67 7.40 -17.80 -11.01
C ALA B 67 8.27 -18.02 -9.78
N SER B 68 9.53 -17.62 -9.87
CA SER B 68 10.44 -17.79 -8.75
C SER B 68 9.88 -17.18 -7.47
N VAL B 69 9.26 -16.01 -7.58
CA VAL B 69 8.72 -15.37 -6.39
C VAL B 69 7.68 -16.29 -5.77
N GLN B 70 6.82 -16.84 -6.61
CA GLN B 70 5.77 -17.75 -6.16
C GLN B 70 6.41 -18.94 -5.46
N TYR B 71 7.44 -19.51 -6.09
CA TYR B 71 8.16 -20.65 -5.55
C TYR B 71 8.63 -20.38 -4.14
N ILE B 72 9.13 -19.19 -3.89
CA ILE B 72 9.58 -18.83 -2.56
C ILE B 72 8.38 -18.85 -1.62
N MET B 73 7.24 -18.38 -2.12
CA MET B 73 6.03 -18.34 -1.31
C MET B 73 5.45 -19.72 -1.07
N THR B 74 5.69 -20.65 -1.97
CA THR B 74 5.14 -21.98 -1.85
C THR B 74 6.07 -23.16 -1.50
N ASP B 75 7.33 -23.13 -1.95
CA ASP B 75 8.26 -24.23 -1.70
C ASP B 75 9.46 -23.99 -0.79
N VAL B 76 10.01 -22.78 -0.82
CA VAL B 76 11.17 -22.48 0.01
C VAL B 76 10.84 -22.53 1.50
N ASN B 77 11.70 -23.18 2.27
CA ASN B 77 11.52 -23.29 3.71
C ASN B 77 11.43 -21.90 4.32
N PHE B 78 10.26 -21.58 4.88
CA PHE B 78 10.02 -20.27 5.47
C PHE B 78 10.06 -19.18 4.43
N GLY B 79 10.09 -19.59 3.16
CA GLY B 79 10.13 -18.64 2.07
C GLY B 79 9.06 -17.58 2.21
N TRP B 80 7.86 -17.99 2.62
CA TRP B 80 6.75 -17.07 2.82
C TRP B 80 7.08 -16.10 3.93
N LEU B 81 7.63 -16.62 5.02
CA LEU B 81 7.98 -15.79 6.15
C LEU B 81 9.04 -14.75 5.78
N ILE B 82 10.02 -15.18 5.00
CA ILE B 82 11.08 -14.28 4.56
C ILE B 82 10.54 -13.15 3.70
N ARG B 83 9.94 -13.49 2.56
CA ARG B 83 9.36 -12.47 1.67
C ARG B 83 8.42 -11.51 2.40
N SER B 84 7.54 -12.08 3.22
CA SER B 84 6.59 -11.27 3.95
C SER B 84 7.35 -10.30 4.84
N ILE B 85 8.42 -10.78 5.46
CA ILE B 85 9.20 -9.91 6.30
C ILE B 85 9.83 -8.82 5.44
N HIS B 86 10.45 -9.19 4.33
CA HIS B 86 11.07 -8.20 3.45
C HIS B 86 10.01 -7.16 3.11
N ARG B 87 8.80 -7.63 2.79
CA ARG B 87 7.72 -6.72 2.42
C ARG B 87 7.32 -5.79 3.56
N TRP B 88 6.92 -6.39 4.68
CA TRP B 88 6.52 -5.59 5.83
C TRP B 88 7.62 -4.66 6.33
N SER B 89 8.82 -5.19 6.47
CA SER B 89 9.94 -4.41 6.97
C SER B 89 10.33 -3.25 6.04
N ALA B 90 10.08 -3.38 4.75
CA ALA B 90 10.41 -2.28 3.83
C ALA B 90 9.46 -1.12 4.16
N SER B 91 8.18 -1.44 4.33
CA SER B 91 7.19 -0.41 4.65
C SER B 91 7.56 0.22 5.97
N MET B 92 7.94 -0.61 6.93
CA MET B 92 8.32 -0.10 8.23
C MET B 92 9.54 0.81 8.15
N MET B 93 10.54 0.43 7.36
CA MET B 93 11.71 1.28 7.27
C MET B 93 11.32 2.71 6.89
N VAL B 94 10.51 2.84 5.85
CA VAL B 94 10.05 4.16 5.41
C VAL B 94 9.27 4.91 6.48
N LEU B 95 8.30 4.24 7.10
CA LEU B 95 7.48 4.85 8.15
C LEU B 95 8.36 5.31 9.30
N MET B 96 9.24 4.42 9.76
CA MET B 96 10.14 4.75 10.85
C MET B 96 11.00 5.93 10.44
N MET B 97 11.44 5.94 9.18
CA MET B 97 12.27 7.04 8.73
C MET B 97 11.49 8.33 8.94
N VAL B 98 10.24 8.37 8.46
CA VAL B 98 9.43 9.56 8.62
C VAL B 98 9.38 10.01 10.08
N LEU B 99 9.09 9.08 10.98
CA LEU B 99 9.02 9.42 12.40
C LEU B 99 10.37 9.98 12.84
N HIS B 100 11.46 9.37 12.38
CA HIS B 100 12.81 9.84 12.72
C HIS B 100 12.96 11.31 12.30
N VAL B 101 12.53 11.65 11.09
CA VAL B 101 12.63 13.04 10.64
C VAL B 101 11.86 13.93 11.59
N PHE B 102 10.64 13.51 11.94
CA PHE B 102 9.79 14.25 12.87
C PHE B 102 10.59 14.54 14.13
N ARG B 103 11.15 13.49 14.72
CA ARG B 103 11.96 13.64 15.93
C ARG B 103 13.03 14.69 15.72
N VAL B 104 13.89 14.45 14.73
CA VAL B 104 14.95 15.38 14.43
C VAL B 104 14.45 16.81 14.26
N TYR B 105 13.42 17.01 13.45
CA TYR B 105 12.93 18.36 13.23
C TYR B 105 12.42 19.06 14.47
N LEU B 106 11.66 18.32 15.27
CA LEU B 106 11.07 18.87 16.49
C LEU B 106 12.00 18.85 17.68
N THR B 107 13.29 18.91 17.40
CA THR B 107 14.33 18.97 18.43
C THR B 107 15.43 19.84 17.81
N GLY B 108 15.16 20.28 16.59
CA GLY B 108 16.12 21.11 15.87
C GLY B 108 17.49 20.49 15.74
N GLY B 109 17.56 19.17 15.84
CA GLY B 109 18.83 18.48 15.74
C GLY B 109 19.51 18.64 14.40
N PHE B 110 18.94 19.45 13.52
CA PHE B 110 19.51 19.66 12.20
C PHE B 110 20.20 21.01 12.06
N LYS B 111 19.97 21.90 13.02
CA LYS B 111 20.57 23.22 12.97
C LYS B 111 22.07 23.16 13.20
N ARG B 112 22.79 24.14 12.63
CA ARG B 112 24.25 24.25 12.74
C ARG B 112 24.82 23.79 14.07
N PRO B 113 25.74 22.83 14.04
CA PRO B 113 26.27 22.17 12.83
C PRO B 113 25.25 21.13 12.38
N ARG B 114 25.69 19.91 12.17
CA ARG B 114 24.76 18.84 11.79
C ARG B 114 23.99 19.02 10.47
N GLU B 115 24.13 20.17 9.83
CA GLU B 115 23.45 20.41 8.57
C GLU B 115 23.74 19.33 7.53
N LEU B 116 24.98 18.86 7.49
CA LEU B 116 25.32 17.82 6.52
C LEU B 116 24.68 16.52 6.96
N THR B 117 24.56 16.35 8.27
CA THR B 117 23.94 15.16 8.85
C THR B 117 22.51 15.09 8.31
N TRP B 118 21.87 16.24 8.22
CA TRP B 118 20.51 16.30 7.70
C TRP B 118 20.54 16.04 6.18
N VAL B 119 21.46 16.70 5.48
CA VAL B 119 21.56 16.55 4.02
C VAL B 119 21.76 15.08 3.64
N THR B 120 22.76 14.46 4.27
CA THR B 120 23.02 13.06 3.98
C THR B 120 21.74 12.28 4.24
N GLY B 121 21.09 12.61 5.35
CA GLY B 121 19.86 11.94 5.68
C GLY B 121 18.87 11.98 4.53
N VAL B 122 18.58 13.17 4.03
CA VAL B 122 17.63 13.30 2.93
C VAL B 122 18.03 12.44 1.74
N ILE B 123 19.32 12.35 1.47
CA ILE B 123 19.75 11.52 0.36
C ILE B 123 19.32 10.10 0.67
N MET B 124 19.66 9.63 1.88
CA MET B 124 19.29 8.29 2.30
C MET B 124 17.80 8.08 2.16
N ALA B 125 17.04 9.13 2.46
CA ALA B 125 15.59 9.09 2.34
C ALA B 125 15.24 8.74 0.89
N VAL B 126 15.96 9.35 -0.03
CA VAL B 126 15.72 9.08 -1.43
C VAL B 126 16.11 7.65 -1.78
N CYS B 127 17.26 7.20 -1.31
CA CYS B 127 17.70 5.83 -1.59
C CYS B 127 16.64 4.85 -1.13
N THR B 128 16.24 5.00 0.14
CA THR B 128 15.23 4.15 0.74
C THR B 128 14.00 4.09 -0.17
N VAL B 129 13.40 5.25 -0.42
CA VAL B 129 12.23 5.30 -1.28
C VAL B 129 12.51 4.64 -2.64
N SER B 130 13.75 4.79 -3.13
CA SER B 130 14.16 4.21 -4.40
C SER B 130 14.14 2.69 -4.32
N PHE B 131 14.61 2.15 -3.18
CA PHE B 131 14.62 0.71 -2.92
C PHE B 131 13.19 0.20 -3.12
N GLY B 132 12.26 0.89 -2.48
CA GLY B 132 10.87 0.52 -2.59
C GLY B 132 10.40 0.34 -4.01
N VAL B 133 10.65 1.32 -4.87
CA VAL B 133 10.18 1.23 -6.25
C VAL B 133 10.80 0.10 -7.06
N THR B 134 12.12 0.03 -7.06
CA THR B 134 12.76 -1.03 -7.81
C THR B 134 12.33 -2.38 -7.28
N GLY B 135 12.15 -2.45 -5.97
CA GLY B 135 11.74 -3.71 -5.35
C GLY B 135 10.45 -4.29 -5.91
N TYR B 136 9.39 -3.50 -5.87
CA TYR B 136 8.10 -3.94 -6.36
C TYR B 136 8.07 -4.39 -7.83
N SER B 137 9.09 -4.03 -8.61
CA SER B 137 9.12 -4.42 -10.01
C SER B 137 9.64 -5.84 -10.22
N LEU B 138 10.43 -6.32 -9.28
CA LEU B 138 11.04 -7.64 -9.37
C LEU B 138 10.14 -8.84 -9.64
N PRO B 139 8.99 -8.94 -8.96
CA PRO B 139 8.16 -10.10 -9.27
C PRO B 139 7.52 -10.00 -10.64
N TRP B 140 7.66 -8.83 -11.26
CA TRP B 140 7.11 -8.58 -12.60
C TRP B 140 5.62 -8.83 -12.67
N ASP B 141 4.89 -8.28 -11.72
CA ASP B 141 3.45 -8.42 -11.68
C ASP B 141 2.80 -7.13 -12.19
N GLN B 142 1.52 -7.19 -12.50
CA GLN B 142 0.78 -6.04 -13.00
C GLN B 142 1.10 -4.74 -12.29
N VAL B 143 0.98 -4.71 -10.98
CA VAL B 143 1.30 -3.47 -10.27
C VAL B 143 2.74 -3.05 -10.45
N GLY B 144 3.67 -3.84 -9.92
CA GLY B 144 5.07 -3.49 -10.06
C GLY B 144 5.45 -3.06 -11.46
N TYR B 145 4.88 -3.73 -12.46
CA TYR B 145 5.18 -3.40 -13.84
C TYR B 145 4.77 -1.97 -14.17
N TRP B 146 3.46 -1.73 -14.19
CA TRP B 146 2.95 -0.42 -14.50
C TRP B 146 3.59 0.67 -13.66
N ALA B 147 3.92 0.33 -12.41
CA ALA B 147 4.57 1.28 -11.53
C ALA B 147 5.87 1.66 -12.23
N VAL B 148 6.61 0.67 -12.70
CA VAL B 148 7.86 0.92 -13.39
C VAL B 148 7.57 1.82 -14.58
N LYS B 149 6.65 1.40 -15.43
CA LYS B 149 6.30 2.21 -16.60
C LYS B 149 6.09 3.68 -16.22
N ILE B 150 5.21 3.94 -15.28
CA ILE B 150 4.94 5.31 -14.86
C ILE B 150 6.18 6.03 -14.30
N VAL B 151 6.69 5.58 -13.16
CA VAL B 151 7.87 6.22 -12.58
C VAL B 151 8.94 6.46 -13.65
N THR B 152 9.42 5.36 -14.21
CA THR B 152 10.45 5.40 -15.23
C THR B 152 10.17 6.44 -16.33
N GLY B 153 8.91 6.80 -16.52
CA GLY B 153 8.55 7.78 -17.53
C GLY B 153 8.74 9.23 -17.11
N VAL B 154 8.23 9.56 -15.92
CA VAL B 154 8.33 10.92 -15.37
C VAL B 154 9.42 11.84 -15.94
N PRO B 155 10.67 11.36 -16.03
CA PRO B 155 11.80 12.13 -16.55
C PRO B 155 11.70 12.77 -17.94
N ASP B 156 10.86 12.23 -18.82
CA ASP B 156 10.73 12.80 -20.17
C ASP B 156 10.27 14.26 -20.10
N ALA B 157 9.80 14.68 -18.95
CA ALA B 157 9.33 16.05 -18.76
C ALA B 157 10.48 17.05 -18.81
N ILE B 158 11.71 16.57 -18.58
CA ILE B 158 12.87 17.45 -18.66
C ILE B 158 13.24 17.62 -20.12
N PRO B 159 13.50 18.85 -20.55
CA PRO B 159 13.86 19.13 -21.95
C PRO B 159 15.24 18.57 -22.32
N GLY B 160 15.35 18.06 -23.53
CA GLY B 160 16.62 17.50 -24.00
C GLY B 160 16.98 16.20 -23.34
N VAL B 161 17.71 16.29 -22.23
CA VAL B 161 18.15 15.12 -21.48
C VAL B 161 17.03 14.13 -21.14
N GLY B 162 15.83 14.65 -20.94
CA GLY B 162 14.69 13.81 -20.59
C GLY B 162 14.64 12.41 -21.17
N GLY B 163 14.46 12.32 -22.48
CA GLY B 163 14.38 11.02 -23.13
C GLY B 163 15.60 10.17 -22.87
N PHE B 164 16.77 10.78 -22.94
CA PHE B 164 18.02 10.05 -22.70
C PHE B 164 17.93 9.29 -21.38
N ILE B 165 17.44 9.99 -20.35
CA ILE B 165 17.30 9.41 -19.04
C ILE B 165 16.32 8.24 -19.04
N VAL B 166 15.13 8.44 -19.59
CA VAL B 166 14.15 7.38 -19.64
C VAL B 166 14.74 6.09 -20.24
N GLU B 167 15.54 6.24 -21.30
CA GLU B 167 16.16 5.09 -21.95
C GLU B 167 17.23 4.45 -21.07
N LEU B 168 17.89 5.26 -20.24
CA LEU B 168 18.90 4.71 -19.34
C LEU B 168 18.20 3.87 -18.28
N LEU B 169 17.08 4.39 -17.79
CA LEU B 169 16.32 3.69 -16.79
C LEU B 169 15.64 2.45 -17.34
N ARG B 170 15.30 2.45 -18.62
CA ARG B 170 14.62 1.30 -19.19
C ARG B 170 15.52 0.43 -20.06
N GLY B 171 16.77 0.85 -20.21
CA GLY B 171 17.68 0.10 -21.05
C GLY B 171 17.18 0.09 -22.49
N GLY B 172 16.48 1.13 -22.89
CA GLY B 172 15.97 1.22 -24.23
C GLY B 172 14.64 1.93 -24.22
N VAL B 173 13.93 1.92 -25.35
CA VAL B 173 12.63 2.56 -25.43
C VAL B 173 11.61 1.57 -24.91
N GLY B 174 10.78 1.99 -23.96
CA GLY B 174 9.79 1.06 -23.44
C GLY B 174 10.32 0.10 -22.37
N VAL B 175 9.40 -0.37 -21.54
CA VAL B 175 9.70 -1.28 -20.43
C VAL B 175 9.77 -2.76 -20.80
N GLY B 176 10.97 -3.31 -20.77
CA GLY B 176 11.18 -4.71 -21.08
C GLY B 176 12.16 -5.39 -20.14
N GLN B 177 12.69 -6.52 -20.59
CA GLN B 177 13.65 -7.27 -19.80
C GLN B 177 14.79 -6.37 -19.32
N ALA B 178 15.37 -5.61 -20.24
CA ALA B 178 16.46 -4.71 -19.90
C ALA B 178 16.09 -3.87 -18.69
N THR B 179 14.84 -3.44 -18.65
CA THR B 179 14.37 -2.63 -17.53
C THR B 179 14.46 -3.46 -16.27
N LEU B 180 13.94 -4.69 -16.34
CA LEU B 180 13.97 -5.62 -15.22
C LEU B 180 15.43 -5.86 -14.78
N THR B 181 16.29 -6.07 -15.76
CA THR B 181 17.69 -6.31 -15.51
C THR B 181 18.33 -5.12 -14.77
N ARG B 182 18.24 -3.94 -15.35
CA ARG B 182 18.82 -2.78 -14.69
C ARG B 182 18.22 -2.62 -13.32
N PHE B 183 16.91 -2.76 -13.23
CA PHE B 183 16.26 -2.60 -11.96
C PHE B 183 16.78 -3.54 -10.89
N TYR B 184 17.00 -4.80 -11.26
CA TYR B 184 17.51 -5.74 -10.27
C TYR B 184 18.87 -5.25 -9.77
N SER B 185 19.73 -4.84 -10.70
CA SER B 185 21.06 -4.33 -10.36
C SER B 185 20.96 -3.15 -9.40
N LEU B 186 20.03 -2.25 -9.67
CA LEU B 186 19.83 -1.07 -8.84
C LEU B 186 19.41 -1.49 -7.44
N HIS B 187 18.45 -2.41 -7.36
CA HIS B 187 17.94 -2.88 -6.08
C HIS B 187 18.92 -3.73 -5.26
N THR B 188 19.62 -4.64 -5.92
CA THR B 188 20.54 -5.51 -5.20
C THR B 188 22.01 -5.16 -5.25
N PHE B 189 22.37 -4.09 -5.94
CA PHE B 189 23.78 -3.73 -5.99
C PHE B 189 24.06 -2.26 -5.72
N VAL B 190 23.48 -1.39 -6.54
CA VAL B 190 23.69 0.05 -6.39
C VAL B 190 23.08 0.67 -5.13
N LEU B 191 21.76 0.66 -5.03
CA LEU B 191 21.08 1.22 -3.88
C LEU B 191 21.71 0.78 -2.55
N PRO B 192 22.01 -0.51 -2.40
CA PRO B 192 22.61 -0.92 -1.14
C PRO B 192 23.93 -0.17 -0.94
N LEU B 193 24.81 -0.35 -1.92
CA LEU B 193 26.14 0.28 -1.95
C LEU B 193 26.02 1.75 -1.55
N LEU B 194 25.26 2.50 -2.35
CA LEU B 194 25.01 3.92 -2.12
C LEU B 194 24.50 4.20 -0.70
N THR B 195 23.40 3.56 -0.36
CA THR B 195 22.80 3.74 0.96
C THR B 195 23.86 3.50 2.03
N ALA B 196 24.52 2.37 1.91
CA ALA B 196 25.55 2.02 2.85
C ALA B 196 26.55 3.17 2.99
N VAL B 197 26.96 3.74 1.87
CA VAL B 197 27.92 4.84 1.93
C VAL B 197 27.42 6.05 2.72
N PHE B 198 26.27 6.59 2.32
CA PHE B 198 25.72 7.75 3.00
C PHE B 198 25.36 7.46 4.44
N MET B 199 24.90 6.24 4.70
CA MET B 199 24.54 5.81 6.03
C MET B 199 25.81 5.90 6.88
N LEU B 200 26.93 5.51 6.28
CA LEU B 200 28.22 5.57 6.98
C LEU B 200 28.54 7.02 7.33
N MET B 201 28.32 7.94 6.39
CA MET B 201 28.57 9.37 6.64
C MET B 201 27.68 9.89 7.77
N HIS B 202 26.38 9.59 7.67
CA HIS B 202 25.39 9.98 8.67
C HIS B 202 26.00 9.57 10.03
N PHE B 203 26.23 8.27 10.18
CA PHE B 203 26.79 7.74 11.42
C PHE B 203 28.10 8.43 11.87
N LEU B 204 29.10 8.46 10.99
CA LEU B 204 30.37 9.10 11.29
C LEU B 204 30.18 10.51 11.85
N MET B 205 29.44 11.34 11.12
CA MET B 205 29.20 12.71 11.55
C MET B 205 28.49 12.72 12.89
N ILE B 206 27.45 11.92 13.02
CA ILE B 206 26.71 11.86 14.28
C ILE B 206 27.66 11.55 15.43
N ARG B 207 28.54 10.60 15.21
CA ARG B 207 29.47 10.19 16.23
C ARG B 207 30.45 11.31 16.57
N LYS B 208 30.90 12.00 15.53
CA LYS B 208 31.84 13.10 15.68
C LYS B 208 31.28 14.26 16.46
N GLN B 209 30.05 14.67 16.14
CA GLN B 209 29.41 15.80 16.82
C GLN B 209 28.56 15.43 18.04
N GLY B 210 28.35 14.14 18.26
CA GLY B 210 27.53 13.71 19.38
C GLY B 210 26.10 14.12 19.14
N ILE B 211 25.18 13.67 19.98
CA ILE B 211 23.77 14.01 19.80
C ILE B 211 23.62 15.52 19.94
N SER B 212 22.53 16.07 19.42
CA SER B 212 22.34 17.52 19.53
C SER B 212 22.09 17.82 21.00
N GLY B 213 21.89 19.09 21.34
CA GLY B 213 21.67 19.45 22.74
C GLY B 213 20.26 19.29 23.26
N PRO B 214 20.01 19.70 24.53
CA PRO B 214 18.75 19.66 25.26
C PRO B 214 17.68 20.63 24.81
N LEU B 215 16.42 20.21 24.98
CA LEU B 215 15.19 20.95 24.62
C LEU B 215 14.61 20.57 23.25
N GLN C 1 3.91 -1.10 -41.88
CA GLN C 1 3.97 -2.23 -40.91
C GLN C 1 2.62 -2.96 -40.81
N ALA C 2 2.67 -4.26 -40.55
CA ALA C 2 1.46 -5.07 -40.42
C ALA C 2 1.00 -5.14 -38.97
N ALA C 3 -0.30 -5.27 -38.76
CA ALA C 3 -0.85 -5.33 -37.40
C ALA C 3 -1.29 -6.72 -36.96
N LYS C 4 -0.49 -7.35 -36.12
CA LYS C 4 -0.81 -8.69 -35.62
C LYS C 4 -1.91 -8.59 -34.56
N ASP C 5 -2.37 -9.75 -34.08
CA ASP C 5 -3.43 -9.79 -33.09
C ASP C 5 -2.96 -10.28 -31.71
N ALA C 6 -3.92 -10.71 -30.89
CA ALA C 6 -3.63 -11.19 -29.54
C ALA C 6 -2.53 -12.25 -29.54
N LEU C 7 -2.77 -13.36 -30.22
CA LEU C 7 -1.80 -14.44 -30.30
C LEU C 7 -0.71 -14.12 -31.33
N GLY C 8 -0.75 -12.89 -31.83
CA GLY C 8 0.23 -12.44 -32.82
C GLY C 8 0.15 -13.14 -34.16
N ASN C 9 -1.04 -13.14 -34.77
CA ASN C 9 -1.22 -13.79 -36.06
C ASN C 9 -2.02 -12.98 -37.08
N ASP C 10 -1.72 -11.68 -37.15
CA ASP C 10 -2.38 -10.75 -38.08
C ASP C 10 -3.91 -10.74 -38.04
N ILE C 11 -4.48 -9.59 -38.41
CA ILE C 11 -5.93 -9.42 -38.38
C ILE C 11 -6.57 -9.40 -39.77
N LYS C 12 -7.64 -10.17 -39.91
CA LYS C 12 -8.39 -10.23 -41.17
C LYS C 12 -9.59 -9.30 -40.96
N ALA C 13 -9.60 -8.18 -41.66
CA ALA C 13 -10.68 -7.21 -41.55
C ALA C 13 -12.05 -7.89 -41.40
N GLY C 14 -12.23 -9.00 -42.11
CA GLY C 14 -13.48 -9.73 -42.02
C GLY C 14 -13.61 -10.46 -40.69
N GLU C 15 -12.62 -11.30 -40.39
CA GLU C 15 -12.60 -12.06 -39.14
C GLU C 15 -12.86 -11.14 -37.96
N TRP C 16 -12.26 -9.95 -38.00
CA TRP C 16 -12.39 -8.95 -36.94
C TRP C 16 -13.83 -8.42 -36.78
N LEU C 17 -14.50 -8.13 -37.90
CA LEU C 17 -15.87 -7.62 -37.84
C LEU C 17 -16.92 -8.68 -37.54
N LYS C 18 -16.51 -9.95 -37.56
CA LYS C 18 -17.43 -11.04 -37.27
C LYS C 18 -17.73 -11.00 -35.78
N THR C 19 -16.70 -10.67 -34.98
CA THR C 19 -16.82 -10.58 -33.54
C THR C 19 -16.95 -9.13 -33.06
N HIS C 20 -16.18 -8.24 -33.67
CA HIS C 20 -16.22 -6.83 -33.29
C HIS C 20 -17.35 -6.09 -34.00
N LEU C 21 -18.38 -5.72 -33.24
CA LEU C 21 -19.53 -5.01 -33.78
C LEU C 21 -19.14 -3.64 -34.33
N ALA C 22 -20.10 -2.71 -34.36
CA ALA C 22 -19.84 -1.36 -34.86
C ALA C 22 -19.55 -0.40 -33.73
N GLY C 23 -18.73 0.61 -34.00
CA GLY C 23 -18.38 1.57 -32.97
C GLY C 23 -17.36 0.96 -32.03
N ASP C 24 -16.81 -0.17 -32.46
CA ASP C 24 -15.82 -0.92 -31.69
C ASP C 24 -14.49 -0.20 -31.54
N ARG C 25 -13.89 -0.35 -30.36
CA ARG C 25 -12.60 0.26 -30.06
C ARG C 25 -11.84 -0.63 -29.10
N SER C 26 -11.24 -1.70 -29.62
CA SER C 26 -10.45 -2.61 -28.79
C SER C 26 -9.00 -2.61 -29.29
N LEU C 27 -8.09 -3.01 -28.41
CA LEU C 27 -6.65 -3.01 -28.73
C LEU C 27 -6.14 -4.13 -29.63
N SER C 28 -4.86 -4.03 -29.98
CA SER C 28 -4.17 -4.99 -30.83
C SER C 28 -2.73 -4.52 -31.00
N GLN C 29 -1.95 -5.27 -31.75
CA GLN C 29 -0.55 -4.92 -32.00
C GLN C 29 -0.53 -3.69 -32.91
N GLY C 30 0.28 -2.70 -32.55
CA GLY C 30 0.36 -1.50 -33.37
C GLY C 30 1.79 -1.16 -33.76
N LEU C 31 1.98 0.00 -34.37
CA LEU C 31 3.32 0.43 -34.79
C LEU C 31 4.24 0.49 -33.58
N LYS C 32 5.44 -0.07 -33.73
CA LYS C 32 6.43 -0.10 -32.66
C LYS C 32 5.99 -1.15 -31.63
N GLY C 33 5.05 -2.00 -32.04
CA GLY C 33 4.56 -3.05 -31.16
C GLY C 33 3.62 -2.54 -30.07
N ASP C 34 3.56 -1.22 -29.89
CA ASP C 34 2.70 -0.64 -28.87
C ASP C 34 1.25 -1.03 -29.07
N PRO C 35 0.45 -0.97 -28.00
CA PRO C 35 -0.96 -1.32 -28.10
C PRO C 35 -1.72 -0.26 -28.87
N THR C 36 -2.23 -0.62 -30.05
CA THR C 36 -2.98 0.33 -30.87
C THR C 36 -4.42 -0.11 -31.09
N TYR C 37 -5.35 0.74 -30.67
CA TYR C 37 -6.78 0.48 -30.80
C TYR C 37 -7.23 0.38 -32.26
N LEU C 38 -8.37 -0.28 -32.46
CA LEU C 38 -8.93 -0.46 -33.80
C LEU C 38 -10.41 -0.06 -33.75
N ILE C 39 -10.75 0.98 -34.50
CA ILE C 39 -12.12 1.50 -34.53
C ILE C 39 -12.99 0.89 -35.63
N VAL C 40 -14.29 0.79 -35.36
CA VAL C 40 -15.27 0.26 -36.31
C VAL C 40 -16.31 1.34 -36.57
N THR C 41 -16.18 2.00 -37.72
CA THR C 41 -17.08 3.08 -38.13
C THR C 41 -18.55 2.74 -37.89
N ALA C 42 -19.39 3.78 -37.88
CA ALA C 42 -20.83 3.60 -37.67
C ALA C 42 -21.33 2.65 -38.75
N ASP C 43 -20.57 2.59 -39.85
CA ASP C 43 -20.90 1.73 -40.98
C ASP C 43 -20.19 0.39 -40.78
N SER C 44 -20.25 -0.12 -39.55
CA SER C 44 -19.62 -1.39 -39.18
C SER C 44 -18.47 -1.73 -40.11
N THR C 45 -17.45 -0.87 -40.10
CA THR C 45 -16.27 -1.06 -40.95
C THR C 45 -15.02 -0.52 -40.27
N ILE C 46 -13.86 -0.88 -40.82
CA ILE C 46 -12.58 -0.43 -40.27
C ILE C 46 -12.35 1.05 -40.55
N GLU C 47 -11.84 1.77 -39.55
CA GLU C 47 -11.56 3.19 -39.68
C GLU C 47 -10.20 3.37 -40.35
N LYS C 48 -10.01 4.49 -41.03
CA LYS C 48 -8.74 4.73 -41.70
C LYS C 48 -7.59 4.95 -40.72
N TYR C 49 -7.90 5.49 -39.54
CA TYR C 49 -6.86 5.77 -38.55
C TYR C 49 -6.92 4.87 -37.32
N GLY C 50 -5.74 4.59 -36.78
CA GLY C 50 -5.63 3.78 -35.58
C GLY C 50 -5.10 4.63 -34.45
N LEU C 51 -5.54 4.34 -33.23
CA LEU C 51 -5.12 5.11 -32.06
C LEU C 51 -4.18 4.34 -31.13
N ASN C 52 -3.04 4.95 -30.84
CA ASN C 52 -2.04 4.38 -29.96
C ASN C 52 -2.47 4.65 -28.50
N ALA C 53 -2.74 3.57 -27.78
CA ALA C 53 -3.21 3.60 -26.39
C ALA C 53 -2.31 4.20 -25.31
N VAL C 54 -1.01 4.30 -25.58
CA VAL C 54 -0.07 4.86 -24.61
C VAL C 54 -0.41 6.31 -24.21
N CYS C 55 -0.92 6.48 -22.98
CA CYS C 55 -1.29 7.79 -22.43
C CYS C 55 -0.12 8.76 -22.52
N THR C 56 -0.33 9.89 -23.17
CA THR C 56 0.72 10.88 -23.34
C THR C 56 1.15 11.55 -22.03
N HIS C 57 0.58 11.12 -20.92
CA HIS C 57 0.94 11.71 -19.63
C HIS C 57 2.18 11.05 -19.04
N LEU C 58 1.99 9.90 -18.40
CA LEU C 58 3.09 9.17 -17.78
C LEU C 58 3.28 7.75 -18.30
N GLY C 59 2.49 7.34 -19.30
CA GLY C 59 2.66 6.02 -19.90
C GLY C 59 1.61 4.93 -19.85
N CYS C 60 0.60 5.08 -19.00
CA CYS C 60 -0.43 4.05 -18.88
C CYS C 60 -1.23 3.82 -20.15
N VAL C 61 -1.46 2.55 -20.48
CA VAL C 61 -2.27 2.22 -21.65
C VAL C 61 -3.71 2.63 -21.32
N VAL C 62 -4.21 3.64 -22.04
CA VAL C 62 -5.56 4.16 -21.80
C VAL C 62 -6.67 3.29 -22.37
N PRO C 63 -7.73 3.05 -21.58
CA PRO C 63 -8.88 2.25 -21.97
C PRO C 63 -10.06 3.06 -22.53
N TRP C 64 -10.81 2.44 -23.44
CA TRP C 64 -11.98 3.07 -24.03
C TRP C 64 -13.21 2.83 -23.14
N VAL C 65 -13.87 3.91 -22.73
CA VAL C 65 -15.05 3.80 -21.89
C VAL C 65 -16.28 4.22 -22.69
N ALA C 66 -16.76 3.32 -23.54
CA ALA C 66 -17.92 3.63 -24.38
C ALA C 66 -19.12 4.20 -23.62
N ALA C 67 -19.15 4.03 -22.30
CA ALA C 67 -20.25 4.55 -21.50
C ALA C 67 -20.25 6.08 -21.51
N GLU C 68 -19.07 6.67 -21.61
CA GLU C 68 -18.93 8.13 -21.62
C GLU C 68 -18.42 8.63 -22.97
N ASN C 69 -18.32 7.70 -23.93
CA ASN C 69 -17.85 8.00 -25.27
C ASN C 69 -16.48 8.67 -25.31
N LYS C 70 -15.49 8.02 -24.69
CA LYS C 70 -14.12 8.54 -24.65
C LYS C 70 -13.13 7.66 -23.88
N PHE C 71 -11.85 7.83 -24.19
CA PHE C 71 -10.77 7.08 -23.53
C PHE C 71 -10.42 7.75 -22.21
N LYS C 72 -10.44 6.99 -21.12
CA LYS C 72 -10.11 7.54 -19.82
C LYS C 72 -9.00 6.77 -19.13
N CYS C 73 -7.86 7.43 -18.95
CA CYS C 73 -6.68 6.86 -18.33
C CYS C 73 -6.91 6.65 -16.84
N PRO C 74 -6.68 5.41 -16.37
CA PRO C 74 -6.86 5.02 -14.96
C PRO C 74 -5.79 5.53 -14.00
N CYS C 75 -4.66 5.99 -14.52
CA CYS C 75 -3.57 6.45 -13.67
C CYS C 75 -3.72 7.82 -13.01
N HIS C 76 -3.98 8.87 -13.80
CA HIS C 76 -4.16 10.20 -13.22
C HIS C 76 -5.39 10.91 -13.77
N GLY C 77 -6.25 10.15 -14.43
CA GLY C 77 -7.48 10.71 -14.95
C GLY C 77 -7.39 11.51 -16.23
N SER C 78 -6.65 11.03 -17.21
CA SER C 78 -6.53 11.72 -18.50
C SER C 78 -7.75 11.29 -19.33
N GLN C 79 -8.31 12.22 -20.10
CA GLN C 79 -9.47 11.88 -20.93
C GLN C 79 -9.33 12.34 -22.37
N TYR C 80 -9.40 11.38 -23.29
CA TYR C 80 -9.29 11.65 -24.71
C TYR C 80 -10.65 11.34 -25.33
N ASN C 81 -11.16 12.23 -26.17
CA ASN C 81 -12.46 11.97 -26.80
C ASN C 81 -12.41 10.82 -27.80
N ALA C 82 -13.59 10.40 -28.26
CA ALA C 82 -13.72 9.29 -29.20
C ALA C 82 -12.77 9.33 -30.39
N GLU C 83 -12.24 10.51 -30.68
CA GLU C 83 -11.34 10.68 -31.83
C GLU C 83 -9.87 10.51 -31.43
N GLY C 84 -9.59 10.53 -30.14
CA GLY C 84 -8.23 10.35 -29.66
C GLY C 84 -7.61 11.65 -29.19
N LYS C 85 -8.33 12.76 -29.40
CA LYS C 85 -7.84 14.07 -29.00
C LYS C 85 -7.92 14.30 -27.48
N VAL C 86 -6.78 14.67 -26.88
CA VAL C 86 -6.75 14.93 -25.44
C VAL C 86 -7.75 16.02 -25.07
N VAL C 87 -8.65 15.67 -24.15
CA VAL C 87 -9.68 16.59 -23.69
C VAL C 87 -9.50 16.94 -22.22
N ARG C 88 -8.81 16.06 -21.50
CA ARG C 88 -8.53 16.25 -20.09
C ARG C 88 -7.09 15.83 -19.79
N GLY C 89 -6.39 16.63 -18.99
CA GLY C 89 -5.01 16.31 -18.66
C GLY C 89 -4.91 15.36 -17.49
N PRO C 90 -3.74 15.27 -16.83
CA PRO C 90 -2.50 16.00 -17.09
C PRO C 90 -1.87 15.72 -18.46
N ALA C 91 -2.44 14.79 -19.21
CA ALA C 91 -1.92 14.47 -20.54
C ALA C 91 -1.88 15.74 -21.37
N PRO C 92 -0.72 16.06 -21.93
CA PRO C 92 -0.58 17.27 -22.75
C PRO C 92 -0.89 17.06 -24.23
N LEU C 93 -0.74 15.84 -24.72
CA LEU C 93 -0.99 15.57 -26.13
C LEU C 93 -2.05 14.50 -26.38
N SER C 94 -2.39 14.29 -27.65
CA SER C 94 -3.41 13.32 -28.02
C SER C 94 -2.78 11.96 -28.37
N LEU C 95 -3.61 10.93 -28.37
CA LEU C 95 -3.13 9.58 -28.70
C LEU C 95 -2.64 9.55 -30.14
N ALA C 96 -1.35 9.31 -30.33
CA ALA C 96 -0.75 9.26 -31.67
C ALA C 96 -1.63 8.51 -32.66
N LEU C 97 -1.66 9.01 -33.89
CA LEU C 97 -2.45 8.40 -34.94
C LEU C 97 -1.59 7.45 -35.78
N ALA C 98 -2.25 6.69 -36.63
CA ALA C 98 -1.57 5.76 -37.52
C ALA C 98 -2.59 5.33 -38.56
N HIS C 99 -2.16 5.22 -39.81
CA HIS C 99 -3.06 4.84 -40.89
C HIS C 99 -3.39 3.35 -40.82
N CYS C 100 -4.67 3.04 -41.02
CA CYS C 100 -5.15 1.66 -40.98
C CYS C 100 -5.79 1.28 -42.32
N ASP C 101 -4.97 0.79 -43.25
CA ASP C 101 -5.45 0.41 -44.57
C ASP C 101 -5.77 -1.08 -44.69
N VAL C 102 -6.85 -1.39 -45.40
CA VAL C 102 -7.26 -2.77 -45.61
C VAL C 102 -6.78 -3.17 -47.02
N ALA C 103 -6.65 -4.47 -47.25
CA ALA C 103 -6.19 -4.95 -48.56
C ALA C 103 -6.76 -6.33 -48.89
N GLU C 104 -8.05 -6.38 -49.21
CA GLU C 104 -8.71 -7.63 -49.55
C GLU C 104 -8.59 -8.65 -48.43
N GLY C 106 -9.09 -8.47 -45.39
CA GLY C 106 -8.27 -8.38 -44.20
C GLY C 106 -6.91 -7.75 -44.48
N LEU C 107 -5.85 -8.50 -44.18
CA LEU C 107 -4.47 -8.04 -44.41
C LEU C 107 -4.31 -6.59 -43.92
N VAL C 108 -4.84 -6.31 -42.73
CA VAL C 108 -4.77 -4.97 -42.15
C VAL C 108 -3.37 -4.59 -41.68
N THR C 109 -2.92 -3.41 -42.10
CA THR C 109 -1.59 -2.91 -41.74
C THR C 109 -1.65 -1.48 -41.22
N PHE C 110 -0.76 -1.14 -40.29
CA PHE C 110 -0.70 0.20 -39.72
C PHE C 110 0.37 1.03 -40.42
N SER C 111 0.05 2.29 -40.70
CA SER C 111 0.98 3.20 -41.36
C SER C 111 1.30 4.38 -40.47
N THR C 112 2.53 4.86 -40.56
CA THR C 112 2.97 6.01 -39.77
C THR C 112 2.26 7.27 -40.27
N TRP C 113 1.88 8.14 -39.34
CA TRP C 113 1.19 9.37 -39.70
C TRP C 113 2.18 10.53 -39.75
N THR C 114 2.19 11.25 -40.87
CA THR C 114 3.12 12.38 -41.04
C THR C 114 2.39 13.71 -41.20
N GLU C 115 1.34 13.72 -42.01
CA GLU C 115 0.57 14.95 -42.25
C GLU C 115 0.05 15.55 -40.95
N THR C 116 -0.45 16.79 -41.02
CA THR C 116 -0.96 17.47 -39.84
C THR C 116 -2.08 16.71 -39.12
N ASP C 117 -2.08 16.83 -37.79
CA ASP C 117 -3.08 16.18 -36.95
C ASP C 117 -4.43 16.87 -37.18
N PHE C 118 -5.28 16.23 -37.99
CA PHE C 118 -6.59 16.78 -38.31
C PHE C 118 -7.45 17.13 -37.08
N ARG C 119 -7.19 16.46 -35.97
CA ARG C 119 -7.95 16.68 -34.75
C ARG C 119 -7.67 18.04 -34.11
N THR C 120 -6.57 18.68 -34.51
CA THR C 120 -6.19 19.99 -33.98
C THR C 120 -5.53 20.86 -35.03
N GLY C 121 -5.43 20.35 -36.26
CA GLY C 121 -4.81 21.10 -37.32
C GLY C 121 -3.31 21.25 -37.13
N LEU C 122 -2.86 21.03 -35.89
CA LEU C 122 -1.45 21.13 -35.54
C LEU C 122 -0.70 19.92 -36.11
N GLU C 123 0.53 20.14 -36.57
CA GLU C 123 1.31 19.04 -37.11
C GLU C 123 1.57 18.04 -35.99
N PRO C 124 1.65 16.74 -36.32
CA PRO C 124 1.90 15.69 -35.34
C PRO C 124 3.16 15.85 -34.48
N TRP C 125 3.08 15.43 -33.23
CA TRP C 125 4.21 15.49 -32.31
C TRP C 125 4.94 14.16 -32.30
N TRP C 126 4.21 13.08 -32.60
CA TRP C 126 4.78 11.75 -32.62
C TRP C 126 5.69 11.50 -33.80
N ALA C 127 6.08 12.58 -34.48
CA ALA C 127 6.96 12.48 -35.63
C ALA C 127 8.26 13.24 -35.34
N THR D 4 24.76 8.75 37.28
CA THR D 4 24.65 10.12 36.70
C THR D 4 26.04 10.75 36.58
N LYS D 5 26.08 11.94 35.97
CA LYS D 5 27.30 12.70 35.78
C LYS D 5 26.85 14.03 35.22
N LYS D 6 26.89 15.07 36.04
CA LYS D 6 26.47 16.39 35.60
C LYS D 6 27.58 17.03 34.80
N PRO D 7 27.23 17.93 33.87
CA PRO D 7 28.23 18.62 33.05
C PRO D 7 29.02 19.61 33.88
N ASP D 8 30.33 19.66 33.70
CA ASP D 8 31.11 20.61 34.47
C ASP D 8 31.29 21.91 33.69
N LEU D 9 30.40 22.86 33.91
CA LEU D 9 30.50 24.12 33.22
C LEU D 9 31.74 24.93 33.64
N SER D 10 32.64 24.29 34.38
CA SER D 10 33.89 24.92 34.80
C SER D 10 34.95 24.60 33.78
N ASP D 11 34.87 23.37 33.25
CA ASP D 11 35.81 22.87 32.25
C ASP D 11 35.75 23.71 30.98
N PRO D 12 36.91 24.22 30.55
CA PRO D 12 37.00 25.04 29.34
C PRO D 12 36.73 24.21 28.09
N VAL D 13 37.19 22.95 28.15
CA VAL D 13 37.02 21.98 27.07
C VAL D 13 35.53 21.87 26.73
N LEU D 14 34.75 21.60 27.77
CA LEU D 14 33.31 21.45 27.61
C LEU D 14 32.68 22.76 27.17
N LYS D 15 32.98 23.83 27.89
CA LYS D 15 32.43 25.14 27.55
C LYS D 15 32.67 25.37 26.07
N ALA D 16 33.92 25.16 25.65
CA ALA D 16 34.31 25.32 24.25
C ALA D 16 33.32 24.59 23.34
N LYS D 17 33.09 23.31 23.62
CA LYS D 17 32.18 22.46 22.84
C LYS D 17 30.78 23.00 22.89
N LEU D 18 30.28 23.22 24.10
CA LEU D 18 28.93 23.73 24.26
C LEU D 18 28.73 24.90 23.30
N ALA D 19 29.81 25.67 23.11
CA ALA D 19 29.78 26.83 22.22
C ALA D 19 29.50 26.44 20.78
N LYS D 20 30.11 25.36 20.31
CA LYS D 20 29.92 24.89 18.94
C LYS D 20 28.68 24.04 18.83
N GLY D 21 28.02 23.78 19.97
CA GLY D 21 26.81 22.97 19.99
C GLY D 21 27.13 21.51 20.18
N MET D 22 28.23 21.23 20.87
CA MET D 22 28.66 19.87 21.07
C MET D 22 29.06 19.53 22.50
N GLY D 23 29.49 18.29 22.71
CA GLY D 23 29.88 17.86 24.06
C GLY D 23 28.69 17.30 24.82
N HIS D 24 27.53 17.31 24.19
CA HIS D 24 26.33 16.81 24.84
C HIS D 24 26.39 15.31 25.10
N ASN D 25 27.35 14.63 24.48
CA ASN D 25 27.47 13.20 24.69
C ASN D 25 28.52 12.92 25.75
N THR D 26 28.91 13.94 26.50
CA THR D 26 29.92 13.78 27.54
C THR D 26 29.39 13.85 28.95
N TYR D 27 28.07 13.96 29.08
CA TYR D 27 27.46 14.00 30.40
C TYR D 27 26.16 13.23 30.35
N GLY D 28 25.68 12.83 31.52
CA GLY D 28 24.45 12.06 31.57
C GLY D 28 24.75 10.67 32.10
N GLU D 29 24.09 9.66 31.56
CA GLU D 29 24.32 8.29 32.01
C GLU D 29 25.26 7.60 31.05
N PRO D 30 26.06 6.65 31.57
CA PRO D 30 26.97 5.95 30.68
C PRO D 30 26.16 5.30 29.54
N ALA D 31 26.72 5.27 28.34
CA ALA D 31 26.01 4.67 27.21
C ALA D 31 26.22 3.16 27.24
N TRP D 32 27.35 2.75 27.77
CA TRP D 32 27.67 1.35 27.86
C TRP D 32 27.90 0.99 29.30
N PRO D 33 27.39 -0.16 29.75
CA PRO D 33 26.61 -1.12 28.95
C PRO D 33 25.12 -0.75 29.00
N ASN D 34 24.81 0.20 29.86
CA ASN D 34 23.46 0.69 30.08
C ASN D 34 22.50 0.66 28.92
N ASP D 35 22.81 1.37 27.85
CA ASP D 35 21.92 1.34 26.68
C ASP D 35 22.42 0.37 25.61
N LEU D 36 23.63 0.61 25.13
CA LEU D 36 24.20 -0.23 24.10
C LEU D 36 24.01 -1.70 24.33
N LEU D 37 24.59 -2.23 25.40
CA LEU D 37 24.49 -3.66 25.65
C LEU D 37 23.11 -4.17 26.11
N TYR D 38 22.43 -3.39 26.94
CA TYR D 38 21.14 -3.81 27.48
C TYR D 38 19.88 -3.36 26.75
N MET D 39 19.72 -2.07 26.54
CA MET D 39 18.52 -1.58 25.87
C MET D 39 18.41 -1.89 24.39
N PHE D 40 19.47 -1.65 23.63
CA PHE D 40 19.45 -1.91 22.20
C PHE D 40 18.80 -3.24 21.83
N PRO D 41 19.24 -4.35 22.47
CA PRO D 41 18.65 -5.65 22.15
C PRO D 41 17.14 -5.62 22.39
N VAL D 42 16.75 -5.01 23.51
CA VAL D 42 15.34 -4.92 23.84
C VAL D 42 14.59 -4.27 22.70
N VAL D 43 15.08 -3.13 22.23
CA VAL D 43 14.42 -2.45 21.12
C VAL D 43 14.47 -3.29 19.84
N ILE D 44 15.63 -3.85 19.53
CA ILE D 44 15.78 -4.68 18.34
C ILE D 44 14.84 -5.90 18.38
N LEU D 45 14.72 -6.50 19.55
CA LEU D 45 13.82 -7.66 19.66
C LEU D 45 12.36 -7.21 19.50
N GLY D 46 12.00 -6.12 20.15
CA GLY D 46 10.65 -5.60 20.05
C GLY D 46 10.35 -5.43 18.57
N THR D 47 11.26 -4.77 17.87
CA THR D 47 11.10 -4.54 16.44
C THR D 47 10.91 -5.85 15.70
N PHE D 48 11.77 -6.83 15.99
CA PHE D 48 11.63 -8.12 15.31
C PHE D 48 10.27 -8.75 15.57
N ALA D 49 9.84 -8.75 16.84
CA ALA D 49 8.54 -9.30 17.19
C ALA D 49 7.48 -8.65 16.32
N CYS D 50 7.32 -7.35 16.45
CA CYS D 50 6.33 -6.63 15.67
C CYS D 50 6.32 -6.95 14.18
N VAL D 51 7.48 -6.98 13.56
CA VAL D 51 7.52 -7.26 12.14
C VAL D 51 7.15 -8.70 11.85
N ILE D 52 7.75 -9.65 12.57
CA ILE D 52 7.42 -11.05 12.35
C ILE D 52 5.94 -11.28 12.68
N GLY D 53 5.43 -10.55 13.66
CA GLY D 53 4.03 -10.66 14.00
C GLY D 53 3.26 -10.45 12.71
N LEU D 54 3.26 -9.19 12.25
CA LEU D 54 2.58 -8.81 11.01
C LEU D 54 2.82 -9.77 9.86
N SER D 55 4.06 -10.16 9.65
CA SER D 55 4.36 -11.08 8.55
C SER D 55 3.56 -12.37 8.59
N VAL D 56 3.50 -13.00 9.76
CA VAL D 56 2.76 -14.25 9.90
C VAL D 56 1.26 -14.02 9.71
N LEU D 57 0.68 -13.18 10.54
CA LEU D 57 -0.74 -12.91 10.47
C LEU D 57 -1.20 -12.38 9.10
N ASP D 58 -0.42 -11.47 8.54
CA ASP D 58 -0.76 -10.90 7.24
C ASP D 58 0.39 -11.09 6.25
N PRO D 59 0.47 -12.27 5.63
CA PRO D 59 1.50 -12.61 4.65
C PRO D 59 1.45 -11.74 3.40
N ALA D 60 2.48 -11.86 2.58
CA ALA D 60 2.57 -11.10 1.35
C ALA D 60 1.71 -11.80 0.31
N ALA D 61 1.15 -11.04 -0.62
CA ALA D 61 0.32 -11.63 -1.64
C ALA D 61 0.98 -11.56 -2.98
N MET D 62 0.57 -12.45 -3.88
CA MET D 62 1.10 -12.45 -5.23
C MET D 62 0.10 -11.63 -6.02
N GLY D 63 0.56 -10.94 -7.05
CA GLY D 63 -0.39 -10.18 -7.85
C GLY D 63 -0.77 -11.08 -9.01
N GLU D 64 -0.92 -10.47 -10.18
CA GLU D 64 -1.22 -11.24 -11.37
C GLU D 64 0.00 -10.91 -12.21
N PRO D 65 0.37 -11.78 -13.14
CA PRO D 65 1.55 -11.43 -13.93
C PRO D 65 1.33 -10.17 -14.75
N ALA D 66 2.42 -9.46 -15.01
CA ALA D 66 2.36 -8.23 -15.79
C ALA D 66 1.74 -8.47 -17.17
N ASN D 67 0.87 -7.57 -17.58
CA ASN D 67 0.22 -7.61 -18.86
C ASN D 67 0.43 -6.24 -19.51
N PRO D 68 1.52 -6.07 -20.28
CA PRO D 68 1.82 -4.79 -20.93
C PRO D 68 0.73 -4.21 -21.84
N PHE D 69 -0.35 -4.97 -22.02
CA PHE D 69 -1.49 -4.54 -22.85
C PHE D 69 -2.75 -4.21 -22.07
N ALA D 70 -2.64 -4.10 -20.75
CA ALA D 70 -3.80 -3.79 -19.91
C ALA D 70 -3.37 -3.19 -18.59
N THR D 71 -3.78 -1.96 -18.32
CA THR D 71 -3.40 -1.33 -17.06
C THR D 71 -4.48 -1.48 -16.01
N PRO D 72 -4.11 -2.01 -14.85
CA PRO D 72 -5.12 -2.19 -13.80
C PRO D 72 -5.95 -0.92 -13.63
N LEU D 73 -7.27 -1.08 -13.60
CA LEU D 73 -8.17 0.06 -13.46
C LEU D 73 -7.86 0.85 -12.21
N GLU D 74 -7.78 0.17 -11.08
CA GLU D 74 -7.46 0.85 -9.84
C GLU D 74 -5.98 0.56 -9.60
N ILE D 75 -5.15 1.51 -10.02
CA ILE D 75 -3.70 1.40 -9.88
C ILE D 75 -3.17 2.51 -8.98
N LEU D 76 -2.66 2.12 -7.81
CA LEU D 76 -2.13 3.08 -6.86
C LEU D 76 -0.67 2.85 -6.57
N PRO D 77 0.01 3.88 -6.05
CA PRO D 77 1.43 3.78 -5.70
C PRO D 77 1.51 3.36 -4.24
N GLU D 78 2.72 3.32 -3.68
CA GLU D 78 2.90 2.94 -2.28
C GLU D 78 2.37 4.09 -1.43
N TRP D 79 1.86 3.79 -0.24
CA TRP D 79 1.29 4.81 0.62
C TRP D 79 2.10 6.11 0.70
N TYR D 80 3.42 6.01 0.88
CA TYR D 80 4.25 7.20 1.01
C TYR D 80 4.31 8.11 -0.23
N PHE D 81 3.78 7.64 -1.36
CA PHE D 81 3.76 8.45 -2.57
C PHE D 81 2.39 9.09 -2.77
N TYR D 82 1.41 8.59 -2.01
CA TYR D 82 0.04 9.08 -2.08
C TYR D 82 -0.11 10.58 -2.27
N PRO D 83 0.62 11.40 -1.47
CA PRO D 83 0.54 12.86 -1.56
C PRO D 83 0.96 13.40 -2.93
N VAL D 84 2.14 12.98 -3.38
CA VAL D 84 2.67 13.41 -4.67
C VAL D 84 1.71 12.94 -5.75
N PHE D 85 1.30 11.68 -5.67
CA PHE D 85 0.36 11.11 -6.63
C PHE D 85 -0.85 12.04 -6.78
N GLN D 86 -1.45 12.42 -5.66
CA GLN D 86 -2.61 13.30 -5.62
C GLN D 86 -2.30 14.63 -6.29
N ILE D 87 -1.17 15.21 -5.95
CA ILE D 87 -0.77 16.47 -6.55
C ILE D 87 -0.83 16.31 -8.06
N LEU D 88 -0.22 15.25 -8.57
CA LEU D 88 -0.20 14.97 -10.00
C LEU D 88 -1.56 14.91 -10.68
N ARG D 89 -2.42 14.01 -10.21
CA ARG D 89 -3.74 13.86 -10.81
C ARG D 89 -4.59 15.13 -10.67
N VAL D 90 -4.35 15.89 -9.61
CA VAL D 90 -5.11 17.12 -9.35
C VAL D 90 -4.56 18.38 -10.05
N VAL D 91 -3.31 18.34 -10.49
CA VAL D 91 -2.70 19.47 -11.17
C VAL D 91 -2.75 19.27 -12.69
N PRO D 92 -3.11 20.33 -13.43
CA PRO D 92 -3.23 20.37 -14.90
C PRO D 92 -1.95 20.08 -15.69
N ASN D 93 -0.95 20.95 -15.55
CA ASN D 93 0.32 20.78 -16.25
C ASN D 93 0.98 19.49 -15.87
N LYS D 94 1.72 18.91 -16.82
CA LYS D 94 2.42 17.66 -16.56
C LYS D 94 3.80 18.00 -15.99
N LEU D 95 4.25 19.23 -16.22
CA LEU D 95 5.53 19.67 -15.72
C LEU D 95 5.39 20.29 -14.35
N LEU D 96 4.48 21.26 -14.24
CA LEU D 96 4.25 21.94 -12.97
C LEU D 96 4.02 20.89 -11.89
N GLY D 97 3.34 19.81 -12.26
CA GLY D 97 3.09 18.74 -11.32
C GLY D 97 4.41 18.11 -10.88
N VAL D 98 5.20 17.65 -11.86
CA VAL D 98 6.49 17.03 -11.58
C VAL D 98 7.43 17.93 -10.77
N LEU D 99 7.40 19.23 -11.04
CA LEU D 99 8.26 20.15 -10.29
C LEU D 99 7.90 20.10 -8.81
N LEU D 100 6.60 20.27 -8.52
CA LEU D 100 6.10 20.25 -7.16
C LEU D 100 6.61 18.98 -6.49
N MET D 101 6.56 17.88 -7.23
CA MET D 101 7.05 16.61 -6.73
C MET D 101 8.50 16.81 -6.25
N ALA D 102 9.39 17.07 -7.20
CA ALA D 102 10.81 17.30 -6.91
C ALA D 102 11.02 18.30 -5.78
N ALA D 103 10.12 19.28 -5.71
CA ALA D 103 10.20 20.31 -4.68
C ALA D 103 10.42 19.70 -3.31
N VAL D 104 9.63 18.68 -2.98
CA VAL D 104 9.74 18.04 -1.68
C VAL D 104 11.19 17.76 -1.23
N PRO D 105 11.80 16.70 -1.74
CA PRO D 105 13.18 16.46 -1.31
C PRO D 105 14.04 17.70 -1.41
N ALA D 106 13.90 18.41 -2.54
CA ALA D 106 14.65 19.65 -2.79
C ALA D 106 14.45 20.65 -1.64
N GLY D 107 13.21 21.02 -1.40
CA GLY D 107 12.93 21.95 -0.32
C GLY D 107 13.34 21.42 1.04
N LEU D 108 13.08 20.13 1.29
CA LEU D 108 13.42 19.53 2.57
C LEU D 108 14.89 19.79 2.87
N ILE D 109 15.72 19.37 1.93
CA ILE D 109 17.17 19.50 2.04
C ILE D 109 17.60 20.97 2.18
N THR D 110 16.63 21.85 2.37
CA THR D 110 16.91 23.27 2.51
C THR D 110 16.77 23.72 3.94
N VAL D 111 15.74 23.19 4.59
CA VAL D 111 15.41 23.49 5.97
C VAL D 111 16.58 23.95 6.84
N PRO D 112 17.63 23.12 6.97
CA PRO D 112 18.75 23.57 7.81
C PRO D 112 19.33 24.93 7.45
N PHE D 113 19.30 25.29 6.17
CA PHE D 113 19.85 26.57 5.78
C PHE D 113 18.84 27.70 5.87
N ILE D 114 17.68 27.56 5.24
CA ILE D 114 16.69 28.62 5.33
C ILE D 114 16.00 28.65 6.68
N GLU D 115 16.68 28.19 7.74
CA GLU D 115 16.09 28.18 9.07
C GLU D 115 17.20 28.30 10.11
N SER D 116 18.25 29.02 9.75
CA SER D 116 19.39 29.21 10.62
C SER D 116 19.35 30.52 11.40
N ILE D 117 18.56 31.49 10.92
CA ILE D 117 18.46 32.78 11.60
C ILE D 117 18.12 32.58 13.07
N ASN D 118 17.35 31.54 13.35
CA ASN D 118 16.95 31.22 14.71
C ASN D 118 17.88 30.17 15.29
N LYS D 119 18.46 30.47 16.44
CA LYS D 119 19.39 29.55 17.10
C LYS D 119 18.72 28.51 18.00
N PHE D 120 17.39 28.47 18.05
CA PHE D 120 16.69 27.55 18.95
C PHE D 120 16.39 26.13 18.49
N GLN D 121 16.04 25.29 19.45
CA GLN D 121 15.71 23.88 19.21
C GLN D 121 14.27 23.58 19.57
N ASN D 122 13.91 23.89 20.82
CA ASN D 122 12.56 23.64 21.29
C ASN D 122 11.50 24.28 20.40
N PRO D 123 10.53 23.49 19.93
CA PRO D 123 9.46 23.97 19.07
C PRO D 123 8.72 25.18 19.63
N TYR D 124 8.61 25.26 20.95
CA TYR D 124 7.92 26.38 21.57
C TYR D 124 8.70 27.68 21.48
N ARG D 125 9.95 27.61 21.06
CA ARG D 125 10.75 28.81 20.90
C ARG D 125 10.96 29.03 19.41
N ARG D 126 10.15 28.33 18.60
CA ARG D 126 10.22 28.41 17.15
C ARG D 126 8.79 28.41 16.61
N PRO D 127 8.05 29.50 16.84
CA PRO D 127 6.67 29.69 16.43
C PRO D 127 6.31 29.39 14.98
N ILE D 128 6.94 30.10 14.05
CA ILE D 128 6.64 29.90 12.65
C ILE D 128 6.95 28.49 12.18
N ALA D 129 8.09 27.97 12.61
CA ALA D 129 8.48 26.62 12.22
C ALA D 129 7.43 25.63 12.68
N THR D 130 7.03 25.72 13.93
CA THR D 130 6.00 24.83 14.45
C THR D 130 4.76 24.87 13.57
N ILE D 131 4.28 26.07 13.28
CA ILE D 131 3.11 26.22 12.43
C ILE D 131 3.31 25.54 11.09
N LEU D 132 4.38 25.92 10.39
CA LEU D 132 4.67 25.33 9.09
C LEU D 132 4.73 23.81 9.16
N PHE D 133 5.35 23.26 10.20
CA PHE D 133 5.44 21.81 10.32
C PHE D 133 4.05 21.25 10.43
N LEU D 134 3.32 21.69 11.47
CA LEU D 134 1.95 21.23 11.68
C LEU D 134 1.19 21.42 10.38
N LEU D 135 1.19 22.66 9.89
CA LEU D 135 0.53 23.00 8.65
C LEU D 135 0.89 21.94 7.61
N GLY D 136 2.15 21.93 7.22
CA GLY D 136 2.63 20.98 6.23
C GLY D 136 2.19 19.55 6.46
N THR D 137 2.10 19.14 7.72
CA THR D 137 1.70 17.78 8.03
C THR D 137 0.26 17.52 7.63
N LEU D 138 -0.63 18.46 7.91
CA LEU D 138 -2.03 18.29 7.53
C LEU D 138 -2.09 18.18 6.03
N VAL D 139 -1.45 19.12 5.35
CA VAL D 139 -1.47 19.14 3.89
C VAL D 139 -1.01 17.82 3.28
N ALA D 140 0.10 17.27 3.76
CA ALA D 140 0.60 16.01 3.24
C ALA D 140 -0.36 14.86 3.53
N VAL D 141 -0.84 14.79 4.78
CA VAL D 141 -1.77 13.74 5.17
C VAL D 141 -3.09 13.86 4.39
N TRP D 142 -3.59 15.09 4.25
CA TRP D 142 -4.83 15.37 3.54
C TRP D 142 -4.74 14.93 2.08
N LEU D 143 -3.71 15.39 1.39
CA LEU D 143 -3.52 15.02 0.00
C LEU D 143 -3.48 13.50 -0.11
N GLY D 144 -2.71 12.87 0.79
CA GLY D 144 -2.60 11.43 0.77
C GLY D 144 -3.94 10.74 0.87
N ILE D 145 -4.73 11.11 1.86
CA ILE D 145 -6.04 10.52 2.03
C ILE D 145 -6.83 10.77 0.75
N GLY D 146 -6.71 11.97 0.21
CA GLY D 146 -7.43 12.28 -1.01
C GLY D 146 -7.14 11.40 -2.20
N SER D 147 -5.89 10.99 -2.36
CA SER D 147 -5.54 10.16 -3.50
C SER D 147 -6.34 8.86 -3.55
N THR D 148 -7.05 8.54 -2.47
CA THR D 148 -7.85 7.31 -2.46
C THR D 148 -9.30 7.61 -2.82
N PHE D 149 -9.58 8.89 -3.05
CA PHE D 149 -10.92 9.32 -3.43
C PHE D 149 -10.95 9.61 -4.94
N PRO D 150 -12.16 9.77 -5.50
CA PRO D 150 -12.33 10.06 -6.92
C PRO D 150 -11.84 11.47 -7.20
N ILE D 151 -11.00 11.64 -8.22
CA ILE D 151 -10.43 12.95 -8.56
C ILE D 151 -11.40 14.10 -8.32
N ASP D 152 -12.67 13.89 -8.65
CA ASP D 152 -13.70 14.91 -8.48
C ASP D 152 -13.83 15.44 -7.07
N ILE D 153 -13.76 14.55 -6.09
CA ILE D 153 -13.92 14.92 -4.69
C ILE D 153 -12.69 14.79 -3.80
N SER D 154 -11.60 14.28 -4.36
CA SER D 154 -10.38 14.09 -3.58
C SER D 154 -9.88 15.35 -2.87
N LEU D 155 -10.06 16.52 -3.48
CA LEU D 155 -9.59 17.75 -2.86
C LEU D 155 -10.44 18.24 -1.71
N THR D 156 -11.51 17.54 -1.40
CA THR D 156 -12.38 17.94 -0.30
C THR D 156 -12.76 16.71 0.51
N LEU D 157 -12.38 15.54 0.00
CA LEU D 157 -12.68 14.28 0.66
C LEU D 157 -14.18 14.18 0.86
N GLY D 158 -14.92 14.71 -0.11
CA GLY D 158 -16.36 14.69 -0.03
C GLY D 158 -16.87 15.35 1.23
N LEU D 159 -16.54 16.63 1.41
CA LEU D 159 -16.96 17.38 2.59
C LEU D 159 -17.10 18.87 2.27
N SER E 3 18.17 2.32 51.01
CA SER E 3 19.02 1.51 50.10
C SER E 3 18.96 0.02 50.45
N SER E 4 19.70 -0.78 49.68
CA SER E 4 19.75 -2.22 49.90
C SER E 4 21.19 -2.74 49.74
N GLU E 5 21.31 -4.03 49.41
CA GLU E 5 22.61 -4.66 49.22
C GLU E 5 23.06 -4.53 47.77
N VAL E 6 24.36 -4.39 47.57
CA VAL E 6 24.91 -4.28 46.22
C VAL E 6 25.35 -5.64 45.70
N PRO E 7 24.73 -6.09 44.60
CA PRO E 7 25.02 -7.38 43.97
C PRO E 7 26.51 -7.69 43.92
N ASP E 8 26.91 -8.77 44.59
CA ASP E 8 28.31 -9.15 44.60
C ASP E 8 28.66 -9.77 43.24
N MET E 9 29.92 -9.64 42.85
CA MET E 9 30.39 -10.18 41.58
C MET E 9 29.68 -11.46 41.17
N ASN E 10 29.70 -12.45 42.05
CA ASN E 10 29.05 -13.72 41.80
C ASN E 10 27.59 -13.56 41.38
N LYS E 11 26.80 -12.86 42.19
CA LYS E 11 25.40 -12.65 41.86
C LYS E 11 25.26 -11.96 40.50
N ARG E 12 26.36 -11.37 40.04
CA ARG E 12 26.35 -10.71 38.74
C ARG E 12 26.66 -11.70 37.64
N ASN E 13 27.56 -12.64 37.90
CA ASN E 13 27.90 -13.66 36.92
C ASN E 13 26.72 -14.60 36.73
N ILE E 14 25.98 -14.83 37.80
CA ILE E 14 24.82 -15.70 37.69
C ILE E 14 23.88 -15.10 36.66
N MET E 15 23.52 -13.84 36.85
CA MET E 15 22.63 -13.15 35.94
C MET E 15 23.14 -13.24 34.51
N ASN E 16 24.39 -12.85 34.29
CA ASN E 16 24.96 -12.92 32.95
C ASN E 16 24.66 -14.29 32.31
N LEU E 17 24.79 -15.36 33.10
CA LEU E 17 24.53 -16.70 32.58
C LEU E 17 23.08 -16.90 32.20
N ILE E 18 22.18 -16.52 33.11
CA ILE E 18 20.77 -16.64 32.85
C ILE E 18 20.47 -15.85 31.57
N LEU E 19 20.87 -14.58 31.56
CA LEU E 19 20.65 -13.69 30.43
C LEU E 19 21.19 -14.28 29.14
N ALA E 20 22.37 -14.89 29.22
CA ALA E 20 22.93 -15.51 28.04
C ALA E 20 21.95 -16.58 27.56
N GLY E 21 21.73 -17.58 28.42
CA GLY E 21 20.83 -18.67 28.09
C GLY E 21 19.49 -18.18 27.58
N GLY E 22 18.95 -17.15 28.22
CA GLY E 22 17.68 -16.60 27.78
C GLY E 22 17.75 -16.13 26.34
N ALA E 23 18.60 -15.13 26.10
CA ALA E 23 18.76 -14.58 24.76
C ALA E 23 19.06 -15.66 23.73
N GLY E 24 19.58 -16.79 24.19
CA GLY E 24 19.89 -17.88 23.28
C GLY E 24 18.64 -18.41 22.61
N LEU E 25 17.54 -18.40 23.33
CA LEU E 25 16.30 -18.91 22.79
C LEU E 25 15.88 -18.19 21.49
N PRO E 26 15.50 -16.91 21.57
CA PRO E 26 15.08 -16.18 20.36
C PRO E 26 16.16 -16.12 19.29
N ILE E 27 17.41 -15.94 19.70
CA ILE E 27 18.50 -15.89 18.74
C ILE E 27 18.70 -17.22 18.02
N THR E 28 18.54 -18.32 18.74
CA THR E 28 18.70 -19.63 18.12
C THR E 28 17.55 -19.92 17.17
N THR E 29 16.36 -19.50 17.58
CA THR E 29 15.18 -19.70 16.75
C THR E 29 15.41 -19.01 15.42
N LEU E 30 15.64 -17.71 15.50
CA LEU E 30 15.89 -16.92 14.31
C LEU E 30 16.96 -17.60 13.47
N ALA E 31 18.10 -17.85 14.09
CA ALA E 31 19.20 -18.49 13.41
C ALA E 31 18.75 -19.71 12.61
N LEU E 32 18.14 -20.68 13.28
CA LEU E 32 17.67 -21.91 12.65
C LEU E 32 16.66 -21.72 11.53
N GLY E 33 15.70 -20.82 11.74
CA GLY E 33 14.73 -20.61 10.68
C GLY E 33 15.46 -20.10 9.46
N TYR E 34 16.22 -19.02 9.67
CA TYR E 34 16.98 -18.41 8.60
C TYR E 34 17.81 -19.44 7.85
N GLY E 35 18.55 -20.25 8.58
CA GLY E 35 19.36 -21.27 7.95
C GLY E 35 18.51 -22.21 7.13
N ALA E 36 17.45 -22.71 7.75
CA ALA E 36 16.53 -23.65 7.11
C ALA E 36 16.17 -23.23 5.68
N PHE E 37 15.89 -21.94 5.52
CA PHE E 37 15.53 -21.32 4.25
C PHE E 37 16.50 -21.68 3.12
N PHE E 38 17.79 -21.69 3.45
CA PHE E 38 18.82 -21.99 2.46
C PHE E 38 18.94 -23.43 2.03
N VAL E 39 18.50 -24.36 2.86
CA VAL E 39 18.58 -25.77 2.49
C VAL E 39 17.54 -25.97 1.41
N PRO E 40 17.99 -26.25 0.17
CA PRO E 40 17.06 -26.45 -0.95
C PRO E 40 15.94 -27.38 -0.60
N PRO E 41 14.78 -27.06 -1.26
CA PRO E 41 13.57 -27.91 -1.09
C PRO E 41 13.82 -29.24 -1.71
N MET F 1 -3.02 -1.02 -5.21
CA MET F 1 -4.25 -1.10 -4.37
C MET F 1 -3.93 -0.69 -2.93
N VAL F 2 -4.90 -0.05 -2.29
CA VAL F 2 -4.73 0.42 -0.93
C VAL F 2 -4.42 -0.69 0.09
N GLU F 3 -3.51 -0.40 1.02
CA GLU F 3 -3.12 -1.34 2.08
C GLU F 3 -3.72 -0.82 3.38
N PRO F 4 -5.01 -1.09 3.60
CA PRO F 4 -5.70 -0.64 4.81
C PRO F 4 -4.94 -0.76 6.14
N LEU F 5 -4.60 -1.98 6.54
CA LEU F 5 -3.88 -2.18 7.81
C LEU F 5 -2.65 -1.30 7.90
N LEU F 6 -1.85 -1.32 6.86
CA LEU F 6 -0.64 -0.51 6.83
C LEU F 6 -1.06 0.95 6.99
N CYS F 7 -1.96 1.43 6.15
CA CYS F 7 -2.43 2.81 6.26
C CYS F 7 -2.91 3.11 7.67
N GLY F 8 -3.64 2.17 8.25
CA GLY F 8 -4.11 2.37 9.61
C GLY F 8 -2.92 2.67 10.51
N ILE F 9 -1.93 1.78 10.46
CA ILE F 9 -0.73 1.92 11.27
C ILE F 9 -0.02 3.26 11.03
N VAL F 10 0.07 3.67 9.77
CA VAL F 10 0.71 4.93 9.47
C VAL F 10 -0.08 6.05 10.11
N LEU F 11 -1.30 6.25 9.64
CA LEU F 11 -2.15 7.32 10.17
C LEU F 11 -2.30 7.31 11.69
N GLY F 12 -2.00 6.18 12.32
CA GLY F 12 -2.08 6.10 13.76
C GLY F 12 -0.80 6.62 14.40
N LEU F 13 0.32 5.99 14.08
CA LEU F 13 1.62 6.38 14.64
C LEU F 13 2.08 7.79 14.33
N VAL F 14 1.84 8.26 13.11
CA VAL F 14 2.28 9.61 12.76
C VAL F 14 1.86 10.63 13.82
N PRO F 15 0.55 10.77 14.07
CA PRO F 15 0.11 11.74 15.08
C PRO F 15 0.52 11.47 16.52
N VAL F 16 0.34 10.23 16.98
CA VAL F 16 0.70 9.91 18.35
C VAL F 16 2.16 10.25 18.64
N THR F 17 2.99 10.14 17.59
CA THR F 17 4.41 10.43 17.72
C THR F 17 4.60 11.94 17.78
N ILE F 18 4.06 12.63 16.78
CA ILE F 18 4.17 14.08 16.74
C ILE F 18 3.70 14.64 18.07
N ALA F 19 2.59 14.14 18.56
CA ALA F 19 2.07 14.59 19.85
C ALA F 19 3.12 14.41 20.95
N GLY F 20 3.51 13.17 21.19
CA GLY F 20 4.50 12.90 22.21
C GLY F 20 5.67 13.86 22.15
N LEU F 21 6.19 14.07 20.93
CA LEU F 21 7.30 14.98 20.73
C LEU F 21 7.01 16.37 21.23
N PHE F 22 5.79 16.86 20.98
CA PHE F 22 5.44 18.19 21.46
C PHE F 22 5.30 18.16 22.98
N VAL F 23 4.88 17.02 23.52
CA VAL F 23 4.70 16.86 24.97
C VAL F 23 6.04 16.91 25.72
N THR F 24 6.97 16.08 25.28
CA THR F 24 8.27 16.05 25.91
C THR F 24 8.95 17.41 25.71
N ALA F 25 8.75 17.99 24.54
CA ALA F 25 9.35 19.28 24.24
C ALA F 25 8.79 20.31 25.20
N TYR F 26 7.50 20.21 25.51
CA TYR F 26 6.85 21.15 26.42
C TYR F 26 7.39 20.99 27.83
N LEU F 27 7.43 19.74 28.28
CA LEU F 27 7.93 19.44 29.59
C LEU F 27 9.28 20.12 29.79
N GLN F 28 10.18 20.00 28.81
CA GLN F 28 11.49 20.63 28.91
C GLN F 28 11.35 22.14 28.89
N TYR F 29 10.37 22.63 28.13
CA TYR F 29 10.16 24.06 28.04
C TYR F 29 9.94 24.68 29.40
N LEU F 30 9.52 23.86 30.36
CA LEU F 30 9.27 24.34 31.71
C LEU F 30 10.30 23.77 32.70
N MET G 1 -13.69 -8.71 19.33
CA MET G 1 -13.88 -8.71 20.80
C MET G 1 -12.87 -9.65 21.43
N LEU G 2 -12.94 -10.93 21.07
CA LEU G 2 -12.02 -11.93 21.61
C LEU G 2 -10.65 -11.28 21.57
N THR G 3 -10.37 -10.63 20.44
CA THR G 3 -9.11 -9.96 20.20
C THR G 3 -8.86 -8.87 21.26
N ILE G 4 -9.74 -7.87 21.31
CA ILE G 4 -9.59 -6.78 22.26
C ILE G 4 -9.55 -7.31 23.71
N THR G 5 -9.93 -8.57 23.88
CA THR G 5 -9.94 -9.19 25.20
C THR G 5 -8.58 -9.87 25.43
N SER G 6 -8.23 -10.76 24.51
CA SER G 6 -6.97 -11.49 24.57
C SER G 6 -5.83 -10.48 24.76
N TYR G 7 -6.03 -9.29 24.19
CA TYR G 7 -5.07 -8.21 24.31
C TYR G 7 -4.91 -7.93 25.80
N VAL G 8 -5.92 -7.31 26.39
CA VAL G 8 -5.89 -6.99 27.81
C VAL G 8 -5.50 -8.18 28.69
N GLY G 9 -5.89 -9.38 28.26
CA GLY G 9 -5.57 -10.56 29.03
C GLY G 9 -4.08 -10.77 28.99
N LEU G 10 -3.56 -10.98 27.79
CA LEU G 10 -2.13 -11.18 27.58
C LEU G 10 -1.29 -10.02 28.13
N LEU G 11 -1.78 -8.79 27.98
CA LEU G 11 -1.03 -7.65 28.48
C LEU G 11 -0.82 -7.87 29.96
N ILE G 12 -1.92 -8.06 30.67
CA ILE G 12 -1.87 -8.30 32.11
C ILE G 12 -0.96 -9.48 32.39
N GLY G 13 -1.04 -10.50 31.55
CA GLY G 13 -0.18 -11.66 31.71
C GLY G 13 1.28 -11.25 31.69
N ALA G 14 1.66 -10.50 30.67
CA ALA G 14 3.04 -10.04 30.53
C ALA G 14 3.46 -9.34 31.81
N LEU G 15 2.61 -8.41 32.26
CA LEU G 15 2.91 -7.65 33.46
C LEU G 15 3.18 -8.58 34.65
N VAL G 16 2.42 -9.66 34.73
CA VAL G 16 2.60 -10.62 35.79
C VAL G 16 3.93 -11.33 35.61
N PHE G 17 4.10 -11.96 34.45
CA PHE G 17 5.34 -12.68 34.11
C PHE G 17 6.56 -11.83 34.44
N THR G 18 6.46 -10.54 34.14
CA THR G 18 7.55 -9.63 34.40
C THR G 18 7.74 -9.54 35.91
N LEU G 19 6.81 -8.87 36.58
CA LEU G 19 6.85 -8.70 38.03
C LEU G 19 7.22 -10.01 38.72
N GLY G 20 6.74 -11.11 38.14
CA GLY G 20 7.03 -12.42 38.67
C GLY G 20 8.53 -12.61 38.74
N ILE G 21 9.17 -12.68 37.57
CA ILE G 21 10.60 -12.87 37.51
C ILE G 21 11.37 -11.79 38.25
N TYR G 22 10.84 -10.58 38.28
CA TYR G 22 11.51 -9.49 38.98
C TYR G 22 11.58 -9.80 40.47
N LEU G 23 10.41 -9.89 41.11
CA LEU G 23 10.33 -10.16 42.55
C LEU G 23 10.98 -11.49 42.91
N GLY G 24 10.77 -12.49 42.07
CA GLY G 24 11.36 -13.79 42.35
C GLY G 24 12.88 -13.74 42.28
N LEU G 25 13.39 -12.96 41.34
CA LEU G 25 14.83 -12.85 41.17
C LEU G 25 15.43 -11.91 42.18
N LEU G 26 14.65 -10.94 42.64
CA LEU G 26 15.10 -9.96 43.61
C LEU G 26 15.02 -10.42 45.06
N LYS G 27 13.82 -10.88 45.45
CA LYS G 27 13.56 -11.32 46.82
C LYS G 27 13.73 -12.81 47.09
N VAL G 28 13.35 -13.65 46.15
CA VAL G 28 13.46 -15.08 46.35
C VAL G 28 14.88 -15.63 46.20
N VAL G 29 15.49 -15.46 45.03
CA VAL G 29 16.85 -15.94 44.83
C VAL G 29 17.85 -14.87 45.23
N LYS G 30 17.34 -13.68 45.53
CA LYS G 30 18.18 -12.54 45.92
C LYS G 30 19.44 -12.44 45.07
N LEU G 31 19.23 -12.24 43.77
CA LEU G 31 20.32 -12.15 42.79
C LEU G 31 20.42 -10.72 42.27
N ILE G 32 19.27 -10.08 42.09
CA ILE G 32 19.19 -8.69 41.63
C ILE G 32 19.43 -7.81 42.84
N GLU H 2 -14.83 0.75 4.37
CA GLU H 2 -13.64 0.32 5.17
C GLU H 2 -12.76 1.49 5.64
N ALA H 3 -13.15 2.71 5.28
CA ALA H 3 -12.40 3.88 5.73
C ALA H 3 -12.52 3.90 7.26
N GLU H 4 -13.57 3.24 7.75
CA GLU H 4 -13.78 3.17 9.19
C GLU H 4 -12.70 2.24 9.74
N PHE H 5 -12.42 1.19 8.97
CA PHE H 5 -11.41 0.22 9.36
C PHE H 5 -10.03 0.83 9.57
N ILE H 6 -9.61 1.70 8.65
CA ILE H 6 -8.30 2.29 8.82
C ILE H 6 -8.33 3.28 9.97
N ALA H 7 -9.39 4.09 10.02
CA ALA H 7 -9.53 5.03 11.10
C ALA H 7 -9.53 4.24 12.40
N GLY H 8 -10.16 3.07 12.35
CA GLY H 8 -10.22 2.25 13.54
C GLY H 8 -8.82 1.82 13.92
N THR H 9 -8.18 1.14 12.98
CA THR H 9 -6.82 0.65 13.15
C THR H 9 -5.94 1.78 13.68
N ALA H 10 -6.06 2.94 13.03
CA ALA H 10 -5.27 4.11 13.41
C ALA H 10 -5.46 4.42 14.88
N LEU H 11 -6.70 4.68 15.26
CA LEU H 11 -7.02 5.00 16.63
C LEU H 11 -6.49 3.91 17.57
N THR H 12 -6.59 2.66 17.13
CA THR H 12 -6.11 1.53 17.93
C THR H 12 -4.64 1.67 18.29
N MET H 13 -3.82 2.02 17.30
CA MET H 13 -2.40 2.18 17.54
C MET H 13 -2.20 3.26 18.59
N VAL H 14 -2.85 4.41 18.40
CA VAL H 14 -2.73 5.49 19.35
C VAL H 14 -2.99 4.89 20.71
N GLY H 15 -4.04 4.07 20.78
CA GLY H 15 -4.41 3.43 22.02
C GLY H 15 -3.28 2.57 22.57
N MET H 16 -2.87 1.58 21.79
CA MET H 16 -1.80 0.68 22.20
C MET H 16 -0.57 1.43 22.71
N THR H 17 -0.14 2.46 21.98
CA THR H 17 1.02 3.25 22.37
C THR H 17 0.92 3.79 23.78
N LEU H 18 -0.14 4.56 24.04
CA LEU H 18 -0.32 5.15 25.37
C LEU H 18 -0.38 4.07 26.45
N VAL H 19 -1.17 3.03 26.21
CA VAL H 19 -1.25 1.94 27.18
C VAL H 19 0.15 1.43 27.52
N GLY H 20 0.95 1.18 26.49
CA GLY H 20 2.30 0.71 26.70
C GLY H 20 3.09 1.62 27.63
N LEU H 21 3.24 2.88 27.24
CA LEU H 21 3.98 3.83 28.05
C LEU H 21 3.49 3.79 29.48
N ALA H 22 2.17 3.85 29.63
CA ALA H 22 1.57 3.84 30.95
C ALA H 22 2.03 2.65 31.79
N ILE H 23 1.86 1.44 31.26
CA ILE H 23 2.28 0.25 31.99
C ILE H 23 3.76 0.36 32.31
N GLY H 24 4.47 1.16 31.52
CA GLY H 24 5.88 1.35 31.76
C GLY H 24 6.01 2.00 33.12
N PHE H 25 5.37 3.16 33.27
CA PHE H 25 5.44 3.84 34.54
C PHE H 25 4.89 2.96 35.64
N VAL H 26 3.87 2.17 35.34
CA VAL H 26 3.30 1.26 36.32
C VAL H 26 4.43 0.43 36.94
N LEU H 27 5.26 -0.17 36.08
CA LEU H 27 6.39 -0.96 36.56
C LEU H 27 7.35 -0.10 37.40
N LEU H 28 7.76 1.03 36.83
CA LEU H 28 8.67 1.94 37.51
C LEU H 28 8.16 2.20 38.90
N ARG H 29 6.85 2.39 39.00
CA ARG H 29 6.21 2.65 40.29
C ARG H 29 6.37 1.44 41.20
N VAL H 30 6.09 0.26 40.69
CA VAL H 30 6.24 -0.93 41.50
C VAL H 30 7.66 -0.99 42.00
N GLU H 31 8.63 -0.89 41.10
CA GLU H 31 10.05 -0.93 41.48
C GLU H 31 10.25 0.06 42.62
N SER H 32 9.73 1.27 42.41
CA SER H 32 9.81 2.32 43.40
C SER H 32 9.28 1.82 44.72
N LEU H 33 8.04 1.33 44.73
CA LEU H 33 7.46 0.83 45.97
C LEU H 33 8.31 -0.28 46.54
N VAL H 34 8.66 -1.26 45.73
CA VAL H 34 9.50 -2.36 46.20
C VAL H 34 10.77 -1.81 46.87
N GLU H 35 10.95 -0.50 46.80
CA GLU H 35 12.12 0.17 47.41
C GLU H 35 12.33 -0.31 48.83
N GLY I 1 -15.19 -12.29 11.38
CA GLY I 1 -15.32 -13.56 12.22
C GLY I 1 -14.19 -14.57 12.01
N GLU I 2 -12.99 -14.18 12.38
CA GLU I 2 -11.83 -15.03 12.19
C GLU I 2 -11.69 -16.03 13.31
N PRO I 3 -10.96 -17.14 13.05
CA PRO I 3 -10.73 -18.18 14.06
C PRO I 3 -10.11 -17.55 15.30
N ALA I 4 -10.10 -18.27 16.41
CA ALA I 4 -9.54 -17.72 17.63
C ALA I 4 -8.02 -17.59 17.55
N ILE I 5 -7.37 -18.68 17.13
CA ILE I 5 -5.92 -18.69 17.05
C ILE I 5 -5.47 -17.39 16.39
N VAL I 6 -6.10 -17.08 15.27
CA VAL I 6 -5.79 -15.87 14.53
C VAL I 6 -5.97 -14.60 15.36
N GLN I 7 -7.11 -14.47 16.02
CA GLN I 7 -7.34 -13.29 16.83
C GLN I 7 -6.37 -13.22 18.01
N ILE I 8 -6.08 -14.36 18.60
CA ILE I 8 -5.15 -14.38 19.71
C ILE I 8 -3.82 -13.91 19.13
N GLY I 9 -3.49 -14.43 17.95
CA GLY I 9 -2.26 -14.05 17.28
C GLY I 9 -2.14 -12.54 17.17
N TRP I 10 -3.14 -11.90 16.59
CA TRP I 10 -3.13 -10.46 16.48
C TRP I 10 -2.90 -9.83 17.85
N ALA I 11 -3.72 -10.24 18.81
CA ALA I 11 -3.60 -9.71 20.16
C ALA I 11 -2.17 -9.83 20.68
N ALA I 12 -1.63 -11.04 20.62
CA ALA I 12 -0.27 -11.29 21.09
C ALA I 12 0.65 -10.23 20.51
N THR I 13 0.60 -10.10 19.19
CA THR I 13 1.41 -9.12 18.49
C THR I 13 1.15 -7.73 19.04
N CYS I 14 -0.11 -7.36 19.18
CA CYS I 14 -0.40 -6.05 19.72
C CYS I 14 0.22 -5.86 21.10
N VAL I 15 0.41 -6.97 21.81
CA VAL I 15 1.01 -6.89 23.13
C VAL I 15 2.50 -6.65 23.00
N MET I 16 3.16 -7.44 22.16
CA MET I 16 4.59 -7.28 21.95
C MET I 16 4.93 -5.82 21.69
N PHE I 17 4.19 -5.20 20.77
CA PHE I 17 4.41 -3.79 20.46
C PHE I 17 4.35 -3.00 21.76
N SER I 18 3.18 -3.02 22.39
CA SER I 18 2.93 -2.31 23.64
C SER I 18 3.91 -2.57 24.77
N PHE I 19 3.99 -3.82 25.20
CA PHE I 19 4.85 -4.12 26.33
C PHE I 19 6.30 -3.79 26.04
N SER I 20 6.67 -3.77 24.76
CA SER I 20 8.04 -3.41 24.42
C SER I 20 8.27 -1.99 24.87
N LEU I 21 7.36 -1.10 24.52
CA LEU I 21 7.51 0.28 24.95
C LEU I 21 7.63 0.26 26.47
N SER I 22 6.76 -0.51 27.12
CA SER I 22 6.76 -0.63 28.57
C SER I 22 8.15 -0.96 29.11
N LEU I 23 8.70 -2.07 28.63
CA LEU I 23 10.02 -2.50 29.06
C LEU I 23 11.07 -1.42 28.82
N VAL I 24 10.96 -0.71 27.70
CA VAL I 24 11.91 0.35 27.40
C VAL I 24 11.75 1.50 28.40
N VAL I 25 10.51 1.96 28.58
CA VAL I 25 10.24 3.05 29.52
C VAL I 25 10.74 2.68 30.90
N TRP I 26 10.56 1.41 31.25
CA TRP I 26 10.99 0.94 32.55
C TRP I 26 12.51 0.89 32.61
N GLY I 27 13.09 0.16 31.67
CA GLY I 27 14.53 0.02 31.61
C GLY I 27 15.30 1.34 31.57
N ARG I 28 14.72 2.35 30.92
CA ARG I 28 15.36 3.66 30.83
C ARG I 28 14.84 4.70 31.83
N SER I 29 13.86 4.30 32.62
CA SER I 29 13.28 5.16 33.65
C SER I 29 12.50 6.37 33.16
N GLY I 30 11.78 6.24 32.04
CA GLY I 30 11.00 7.37 31.56
C GLY I 30 10.75 7.43 30.08
N LEU I 31 10.36 8.63 29.61
CA LEU I 31 10.10 8.95 28.21
C LEU I 31 8.63 8.80 27.82
FE HEC J . -27.69 -8.03 -16.74
CHA HEC J . -31.01 -7.20 -16.39
CHB HEC J . -27.56 -8.92 -13.47
CHC HEC J . -24.42 -8.91 -17.10
CHD HEC J . -27.79 -7.14 -20.01
NA HEC J . -29.02 -8.06 -15.26
C1A HEC J . -30.35 -7.70 -15.28
C2A HEC J . -30.98 -7.88 -14.01
C3A HEC J . -30.04 -8.35 -13.17
C4A HEC J . -28.79 -8.47 -13.96
CMA HEC J . -30.15 -8.73 -11.68
CAA HEC J . -32.48 -7.60 -13.68
CBA HEC J . -32.68 -6.25 -13.03
CGA HEC J . -34.12 -5.92 -12.67
O1A HEC J . -35.08 -6.47 -13.28
O2A HEC J . -34.29 -5.08 -11.74
NB HEC J . -26.29 -8.75 -15.52
C1B HEC J . -26.41 -9.06 -14.16
C2B HEC J . -25.16 -9.52 -13.64
C3B HEC J . -24.28 -9.53 -14.65
C4B HEC J . -24.99 -9.05 -15.84
CMB HEC J . -24.94 -9.93 -12.17
CAB HEC J . -22.79 -9.92 -14.71
CBB HEC J . -22.46 -11.36 -14.13
NC HEC J . -26.35 -8.05 -18.26
C1C HEC J . -25.07 -8.44 -18.21
C2C HEC J . -24.44 -8.31 -19.49
C3C HEC J . -25.37 -7.81 -20.31
C4C HEC J . -26.58 -7.63 -19.53
CMC HEC J . -23.00 -8.68 -19.78
CAC HEC J . -25.26 -7.45 -21.78
CBC HEC J . -24.83 -8.60 -22.72
ND HEC J . -29.11 -7.30 -17.94
C1D HEC J . -28.93 -6.99 -19.30
C2D HEC J . -30.24 -6.46 -19.78
C3D HEC J . -31.14 -6.47 -18.79
C4D HEC J . -30.42 -7.02 -17.61
CMD HEC J . -30.42 -5.98 -21.26
CAD HEC J . -32.56 -6.03 -18.88
CBD HEC J . -33.45 -7.29 -19.07
CGD HEC J . -34.75 -7.07 -19.77
O1D HEC J . -35.80 -6.71 -19.19
O2D HEC J . -34.69 -7.30 -21.01
FE HEC K . 21.08 4.79 18.69
CHA HEC K . 23.54 7.00 17.70
CHB HEC K . 20.10 6.94 21.14
CHC HEC K . 18.62 2.59 19.63
CHD HEC K . 22.03 2.67 16.20
NA HEC K . 21.71 6.58 19.30
C1A HEC K . 22.74 7.35 18.80
C2A HEC K . 22.89 8.57 19.53
C3A HEC K . 21.94 8.59 20.49
C4A HEC K . 21.19 7.33 20.34
CMA HEC K . 21.64 9.63 21.55
CAA HEC K . 23.93 9.69 19.31
CBA HEC K . 25.21 9.19 19.99
CGA HEC K . 26.25 10.20 20.38
O1A HEC K . 25.95 11.26 21.01
O2A HEC K . 27.47 9.89 20.03
NB HEC K . 19.67 4.78 20.09
C1B HEC K . 19.38 5.80 21.05
C2B HEC K . 18.29 5.43 21.87
C3B HEC K . 17.86 4.22 21.47
C4B HEC K . 18.72 3.79 20.34
CMB HEC K . 17.76 6.33 22.99
CAB HEC K . 16.68 3.39 22.04
CBB HEC K . 16.87 2.95 23.54
NC HEC K . 20.45 2.96 18.05
C1C HEC K . 19.44 2.21 18.55
C2C HEC K . 19.32 0.97 17.84
C3C HEC K . 20.26 0.99 16.87
C4C HEC K . 20.98 2.24 17.01
CMC HEC K . 18.30 -0.10 18.13
CAC HEC K . 20.61 -0.03 15.77
CBC HEC K . 21.12 -1.40 16.27
ND HEC K . 22.50 4.84 17.23
C1D HEC K . 22.70 3.84 16.29
C2D HEC K . 23.82 4.31 15.42
C3D HEC K . 24.25 5.50 15.82
C4D HEC K . 23.40 5.84 17.00
CMD HEC K . 24.31 3.43 14.22
CAD HEC K . 25.34 6.32 15.19
CBD HEC K . 26.72 5.79 15.60
CGD HEC K . 27.41 6.48 16.75
O1D HEC K . 27.09 7.63 17.16
O2D HEC K . 28.34 5.79 17.25
FE HEC L . 19.08 10.23 10.78
CHA HEC L . 20.55 11.11 13.65
CHB HEC L . 19.54 6.93 11.48
CHC HEC L . 17.52 9.31 7.85
CHD HEC L . 18.54 13.50 9.98
NA HEC L . 19.87 9.20 12.30
C1A HEC L . 20.41 9.76 13.41
C2A HEC L . 20.77 8.71 14.33
C3A HEC L . 20.51 7.51 13.72
C4A HEC L . 19.95 7.85 12.43
CMA HEC L . 20.73 6.13 14.24
CAA HEC L . 21.34 8.92 15.70
CBA HEC L . 20.25 9.26 16.79
CGA HEC L . 18.73 9.11 16.49
O1A HEC L . 18.02 10.15 16.41
O2A HEC L . 18.24 7.95 16.36
NB HEC L . 18.64 8.45 9.81
C1B HEC L . 18.96 7.19 10.27
C2B HEC L . 18.55 6.19 9.29
C3B HEC L . 17.96 6.88 8.27
C4B HEC L . 18.02 8.29 8.62
CMB HEC L . 18.74 4.69 9.42
CAB HEC L . 17.36 6.36 7.04
CBB HEC L . 17.96 6.01 5.94
NC HEC L . 18.17 11.24 9.20
C1C HEC L . 17.56 10.66 8.11
C2C HEC L . 16.95 11.70 7.27
C3C HEC L . 17.24 12.90 7.87
C4C HEC L . 18.02 12.59 9.09
CMC HEC L . 16.16 11.42 5.99
CAC HEC L . 16.87 14.28 7.43
CBC HEC L . 15.63 14.72 7.16
ND HEC L . 19.50 11.99 11.64
C1D HEC L . 19.23 13.25 11.15
C2D HEC L . 19.78 14.25 12.05
C3D HEC L . 20.35 13.56 13.11
C4D HEC L . 20.15 12.15 12.84
CMD HEC L . 19.72 15.75 11.84
CAD HEC L . 21.05 14.14 14.32
CBD HEC L . 20.10 14.79 15.34
CGD HEC L . 20.85 15.07 16.62
O1D HEC L . 22.08 15.42 16.59
O2D HEC L . 20.21 14.93 17.70
FE HEC M . 14.37 -5.84 -1.62
CHA HEC M . 11.94 -7.42 -3.45
CHB HEC M . 16.61 -8.25 -2.57
CHC HEC M . 16.84 -4.30 0.19
CHD HEC M . 12.17 -3.45 -0.69
NA HEC M . 14.30 -7.52 -2.79
C1A HEC M . 13.19 -8.01 -3.47
C2A HEC M . 13.54 -9.23 -4.19
C3A HEC M . 14.86 -9.46 -3.94
C4A HEC M . 15.32 -8.38 -3.05
CMA HEC M . 15.75 -10.60 -4.44
CAA HEC M . 12.61 -10.06 -5.07
CBA HEC M . 11.76 -11.01 -4.25
CGA HEC M . 10.32 -10.57 -3.95
O1A HEC M . 9.80 -9.61 -4.57
O2A HEC M . 9.70 -11.21 -3.07
NB HEC M . 16.35 -6.22 -1.27
C1B HEC M . 17.09 -7.27 -1.75
C2B HEC M . 18.48 -7.20 -1.27
C3B HEC M . 18.53 -6.06 -0.49
C4B HEC M . 17.20 -5.46 -0.50
CMB HEC M . 19.57 -8.18 -1.60
CAB HEC M . 19.69 -5.46 0.29
CBB HEC M . 20.95 -5.28 -0.07
NC HEC M . 14.50 -4.15 -0.44
C1C HEC M . 15.60 -3.69 0.21
C2C HEC M . 15.27 -2.47 0.93
C3C HEC M . 13.93 -2.22 0.68
C4C HEC M . 13.47 -3.30 -0.19
CMC HEC M . 16.26 -1.68 1.76
CAC HEC M . 13.06 -1.11 1.16
CBC HEC M . 13.09 -0.48 2.34
ND HEC M . 12.40 -5.52 -2.01
C1D HEC M . 11.67 -4.47 -1.52
C2D HEC M . 10.30 -4.56 -1.99
C3D HEC M . 10.23 -5.70 -2.78
C4D HEC M . 11.57 -6.28 -2.78
CMD HEC M . 9.21 -3.59 -1.65
CAD HEC M . 9.00 -6.27 -3.52
CBD HEC M . 7.89 -6.86 -2.62
CGD HEC M . 7.44 -8.23 -3.15
O1D HEC M . 7.65 -9.22 -2.44
O2D HEC M . 6.88 -8.29 -4.28
C1 BCR N . 9.08 -0.45 19.06
C2 BCR N . 9.92 -1.43 20.02
C3 BCR N . 10.31 -0.84 21.33
C4 BCR N . 10.97 0.54 21.13
C5 BCR N . 10.23 1.52 20.25
C6 BCR N . 9.34 1.11 19.27
C7 BCR N . 8.63 2.13 18.43
C8 BCR N . 7.87 3.21 18.68
C9 BCR N . 7.06 3.99 17.75
C10 BCR N . 6.36 5.06 18.27
C11 BCR N . 6.32 5.59 19.61
C33 BCR N . 10.67 2.89 20.68
C31 BCR N . 7.62 -0.80 19.29
C32 BCR N . 9.47 -0.97 17.68
C34 BCR N . 6.97 3.61 16.30
C12 BCR N . 5.55 6.62 20.06
C13 BCR N . 5.48 7.16 21.39
C14 BCR N . 4.54 8.17 21.60
C15 BCR N . 4.20 8.85 22.83
C16 BCR N . 3.23 9.80 22.99
C17 BCR N . 2.92 10.40 24.24
C18 BCR N . 1.98 11.33 24.57
C19 BCR N . 1.92 11.73 25.94
C20 BCR N . 1.08 12.63 26.54
C21 BCR N . 1.05 13.00 27.89
C35 BCR N . 6.35 6.62 22.51
C36 BCR N . 1.03 11.91 23.54
C1 LFA O . 5.63 -24.81 10.96
C2 LFA O . 5.89 -23.92 12.13
C3 LFA O . 6.44 -22.61 11.67
C4 LFA O . 6.27 -21.54 12.60
C5 LFA O . 6.41 -20.15 12.06
C6 LFA O . 6.64 -19.21 13.15
C7 LFA O . 7.56 -18.02 13.02
C8 LFA O . 8.78 -18.18 13.94
C9 LFA O . 9.51 -16.92 14.32
C10 LFA O . 10.52 -16.33 13.35
C11 LFA O . 11.75 -17.19 12.99
C12 LFA O . 11.83 -17.66 11.53
C13 LFA O . 13.11 -17.35 10.76
C14 LFA O . 13.17 -15.99 10.08
C15 LFA O . 14.25 -15.05 10.59
C16 LFA O . 14.84 -14.11 9.54
C17 LFA O . 15.71 -12.96 10.07
C18 LFA O . 15.08 -11.59 10.02
C19 LFA O . 14.93 -10.87 11.37
C20 LFA O . 13.63 -10.22 11.63
FE1 FES P . -1.13 9.58 -15.89
FE2 FES P . -2.39 8.64 -18.08
S1 FES P . -3.22 9.99 -16.52
S2 FES P . -0.27 8.22 -17.42
MG CLA Q . 6.63 17.94 4.39
CHA CLA Q . 6.53 14.92 2.70
CHB CLA Q . 9.00 16.77 6.57
CHC CLA Q . 6.85 21.14 5.89
CHD CLA Q . 4.40 19.28 2.03
NA CLA Q . 7.65 16.05 4.62
C1A CLA Q . 7.45 14.93 3.82
C2A CLA Q . 8.33 13.79 4.31
C3A CLA Q . 9.08 14.39 5.52
C4A CLA Q . 8.59 15.82 5.62
CMA CLA Q . 8.71 13.63 6.82
CAA CLA Q . 9.34 13.46 3.20
CBA CLA Q . 10.34 12.33 3.43
CGA CLA Q . 11.00 11.97 2.08
O1A CLA Q . 12.22 11.71 2.05
O2A CLA Q . 10.30 11.94 0.86
NB CLA Q . 7.74 18.82 5.97
C1B CLA Q . 8.63 18.12 6.74
C2B CLA Q . 9.16 18.99 7.77
C3B CLA Q . 8.57 20.24 7.61
C4B CLA Q . 7.66 20.13 6.44
CMB CLA Q . 10.18 18.55 8.80
CAB CLA Q . 8.95 21.29 8.54
CBB CLA Q . 8.46 22.55 8.50
NC CLA Q . 5.78 19.85 4.04
C1C CLA Q . 6.00 21.01 4.77
C2C CLA Q . 5.22 22.09 4.20
C3C CLA Q . 4.53 21.57 3.12
C4C CLA Q . 4.89 20.18 3.01
CMC CLA Q . 5.18 23.57 4.72
CAC CLA Q . 3.58 22.32 2.15
CBC CLA Q . 2.15 22.24 2.65
ND CLA Q . 5.65 17.31 2.75
C1D CLA Q . 4.77 17.93 1.90
C2D CLA Q . 4.30 16.99 0.87
C3D CLA Q . 4.94 15.81 1.14
C4D CLA Q . 5.78 16.03 2.30
CMD CLA Q . 3.30 17.28 -0.27
CAD CLA Q . 5.13 14.43 0.73
OBD CLA Q . 4.63 13.79 -0.21
CBD CLA Q . 6.15 13.79 1.69
CGD CLA Q . 5.50 12.59 2.38
O1D CLA Q . 4.37 12.72 2.95
O2D CLA Q . 6.19 11.34 2.36
CED CLA Q . 5.63 10.18 2.99
C1 CLA Q . 9.41 10.80 0.54
C2 CLA Q . 9.37 10.67 -0.92
C3 CLA Q . 8.92 11.55 -1.91
C4 CLA Q . 8.33 12.93 -1.59
C5 CLA Q . 8.96 11.24 -3.42
C6 CLA Q . 10.22 11.79 -4.17
C7 CLA Q . 10.95 10.65 -4.91
C8 CLA Q . 12.23 11.03 -5.73
C9 CLA Q . 13.20 11.88 -4.89
C10 CLA Q . 12.99 9.79 -6.23
C11 CLA Q . 12.28 8.76 -7.10
C12 CLA Q . 13.33 7.68 -7.43
C13 CLA Q . 12.87 6.50 -8.31
C14 CLA Q . 12.40 5.33 -7.44
C15 CLA Q . 13.99 6.06 -9.32
C16 CLA Q . 15.31 5.53 -8.75
C17 CLA Q . 16.52 5.74 -9.66
C18 CLA Q . 17.88 5.23 -9.09
C19 CLA Q . 19.00 5.48 -10.09
C20 CLA Q . 18.24 5.96 -7.79
CBC TDS R . 19.89 7.50 -13.71
CBB TDS R . 18.97 8.38 -12.83
CBA TDS R . 17.61 9.03 -13.18
CAZ TDS R . 16.79 9.91 -12.21
CAY TDS R . 15.29 10.32 -12.30
CAX TDS R . 14.17 9.59 -11.54
CAW TDS R . 12.80 10.18 -11.13
CAV TDS R . 11.49 9.40 -10.85
CAU TDS R . 10.45 10.22 -10.05
CAT TDS R . 9.22 9.41 -9.57
CAS TDS R . 8.72 9.67 -8.15
CAR TDS R . 7.22 9.57 -7.82
CAQ TDS R . 6.55 8.22 -7.96
CAP TDS R . 5.10 7.87 -8.52
OAO TDS R . 4.94 6.47 -8.46
CAH TDS R . 4.02 8.68 -9.03
CAI TDS R . 4.00 10.19 -9.16
CAG TDS R . 2.77 7.97 -9.50
OAC TDS R . 1.86 8.69 -9.94
CAF TDS R . 2.66 6.47 -9.41
CAN TDS R . 3.79 5.74 -8.89
CAM TDS R . 3.76 4.29 -8.78
OBD TDS R . 4.87 3.62 -8.26
CAL TDS R . 2.62 3.53 -9.20
OAK TDS R . 2.73 2.12 -9.04
CAJ TDS R . 1.66 1.24 -9.42
CAD TDS R . 1.46 4.27 -9.75
CAE TDS R . 1.46 5.73 -9.87
OAB TDS R . 0.35 6.48 -10.40
CAA TDS R . -0.83 5.81 -10.86
C1 LMG S . -12.62 4.94 0.91
O1 LMG S . -11.57 5.70 1.50
C2 LMG S . -13.77 5.89 0.49
O2 LMG S . -14.22 6.61 1.62
C3 LMG S . -14.94 5.06 -0.18
O3 LMG S . -16.02 5.89 -0.59
C4 LMG S . -14.40 4.26 -1.42
O4 LMG S . -14.04 5.16 -2.49
C5 LMG S . -13.18 3.34 -0.96
O5 LMG S . -13.57 1.98 -3.03
C6 LMG S . -12.58 2.54 -2.16
O6 LMG S . -12.12 4.17 -0.28
C7 LMG S . -10.35 5.13 1.89
C8 LMG S . -9.51 6.13 2.72
C9 LMG S . -10.21 6.54 4.07
O7 LMG S . -8.24 5.57 3.09
C10 LMG S . -7.11 6.43 3.01
O9 LMG S . -7.22 7.64 2.64
C11 LMG S . -5.74 5.87 3.41
C12 LMG S . -4.74 7.03 3.27
C13 LMG S . -3.30 6.78 3.61
C14 LMG S . -2.63 8.11 3.38
C15 LMG S . -1.16 8.00 3.68
C16 LMG S . -0.67 9.39 3.99
C17 LMG S . 0.83 9.31 3.94
C18 LMG S . 1.40 9.84 5.22
C19 LMG S . 2.21 11.06 4.95
C20 LMG S . 2.76 11.56 6.26
C21 LMG S . 3.56 12.78 5.92
C22 LMG S . 4.16 13.37 7.16
C23 LMG S . 4.97 14.62 6.78
C24 LMG S . 4.31 15.89 7.33
C25 LMG S . 5.11 17.12 6.93
O8 LMG S . -9.29 7.16 5.01
C28 LMG S . -9.73 7.61 6.31
O10 LMG S . -10.92 7.49 6.64
C29 LMG S . -8.76 8.26 7.32
C30 LMG S . -8.87 8.84 8.75
C31 LMG S . -7.48 9.19 9.33
C32 LMG S . -7.61 10.23 10.47
C33 LMG S . -6.22 10.56 11.10
C34 LMG S . -5.76 11.98 10.73
C35 LMG S . -4.37 12.28 11.36
C36 LMG S . -3.94 13.71 10.96
C37 LMG S . -2.53 14.12 11.52
C38 LMG S . -2.64 14.78 12.92
C39 LMG S . -1.26 15.18 13.46
C40 LMG S . -1.46 15.78 14.85
C41 LMG S . -0.14 16.22 15.51
C42 LMG S . -0.48 16.78 16.92
C43 LMG S . -0.04 18.24 17.12
C44 LMG S . 0.27 18.56 18.59
C45 LMG S . 0.71 20.02 18.74
O6 SQD T . 30.48 -7.79 30.35
C44 SQD T . 30.05 -9.05 30.71
C45 SQD T . 30.20 -9.93 29.46
C46 SQD T . 29.32 -11.17 29.57
O47 SQD T . 29.79 -9.25 28.28
C7 SQD T . 30.80 -8.84 27.35
O49 SQD T . 32.01 -8.91 27.63
C8 SQD T . 30.34 -8.29 25.99
C9 SQD T . 29.50 -9.32 25.23
O48 SQD T . 27.96 -10.81 29.63
C23 SQD T . 27.13 -11.44 28.67
O10 SQD T . 27.19 -12.65 28.54
C24 SQD T . 26.12 -10.66 27.79
C25 SQD T . 24.66 -10.89 27.30
C26 SQD T . 24.12 -9.73 26.39
C27 SQD T . 23.76 -10.12 24.92
C28 SQD T . 22.26 -9.85 24.60
C29 SQD T . 21.97 -10.01 23.09
C30 SQD T . 20.55 -10.46 22.76
C1 SQD T . 29.84 -6.64 30.89
C2 SQD T . 30.08 -5.22 30.21
O2 SQD T . 30.85 -5.46 29.04
C3 SQD T . 30.87 -4.34 31.13
O3 SQD T . 30.89 -3.05 30.39
C4 SQD T . 30.01 -4.17 32.58
O4 SQD T . 30.67 -3.33 33.47
C5 SQD T . 29.75 -5.57 33.07
C6 SQD T . 28.99 -5.52 34.24
O5 SQD T . 29.06 -6.48 32.10
S SQD T . 28.40 -6.95 35.20
O7 SQD T . 26.90 -6.95 35.63
O8 SQD T . 29.39 -6.71 36.37
O9 SQD T . 28.87 -8.09 34.47
C1 LMG U . -7.31 -8.09 14.21
O1 LMG U . -7.16 -7.38 15.39
C2 LMG U . -8.61 -8.88 14.27
O2 LMG U . -8.58 -9.76 15.38
C3 LMG U . -8.76 -9.64 12.93
O3 LMG U . -9.96 -10.39 12.96
C4 LMG U . -8.79 -8.59 11.74
O4 LMG U . -9.88 -7.69 11.93
C5 LMG U . -7.44 -7.81 11.77
O5 LMG U . -6.10 -6.76 9.97
C6 LMG U . -7.38 -6.75 10.64
O6 LMG U . -7.29 -7.15 13.06
C7 LMG U . -6.22 -6.40 15.37
C8 LMG U . -6.64 -5.17 16.14
C9 LMG U . -6.77 -5.52 17.65
O7 LMG U . -5.58 -4.30 15.98
C10 LMG U . -5.65 -3.28 15.02
O9 LMG U . -6.63 -3.06 14.26
C11 LMG U . -4.37 -2.50 14.94
C12 LMG U . -3.39 -3.64 14.64
C13 LMG U . -1.97 -3.29 14.48
C14 LMG U . -1.30 -4.61 14.21
C15 LMG U . 0.15 -4.33 14.05
C16 LMG U . 0.77 -4.10 15.41
C17 LMG U . 2.23 -4.01 15.15
C18 LMG U . 2.64 -2.63 14.75
C19 LMG U . 4.10 -2.64 14.76
C20 LMG U . 4.61 -1.30 14.37
C21 LMG U . 6.09 -1.48 14.44
C22 LMG U . 6.75 -0.20 14.06
C23 LMG U . 8.26 -0.39 14.12
C24 LMG U . 8.76 -1.19 12.92
C25 LMG U . 10.27 -1.33 13.03
O8 LMG U . -6.51 -4.39 18.48
C28 LMG U . -6.57 -4.49 19.89
O10 LMG U . -6.84 -5.57 20.43
C29 LMG U . -6.30 -3.28 20.77
C30 LMG U . -6.25 -2.96 22.27
C31 LMG U . -6.16 -1.44 22.49
C32 LMG U . -6.88 -1.07 23.79
C33 LMG U . -6.49 0.36 24.21
C34 LMG U . -7.47 1.39 23.66
#